data_6B05
#
_entry.id   6B05
#
_cell.length_a   81.338
_cell.length_b   126.505
_cell.length_c   133.545
_cell.angle_alpha   90.00
_cell.angle_beta   90.00
_cell.angle_gamma   90.00
#
_symmetry.space_group_name_H-M   'P 2 21 21'
#
loop_
_entity.id
_entity.type
_entity.pdbx_description
1 polymer 'Putative zinc protease'
2 polymer 'Ferredoxin-2, chloroplastic'
3 non-polymer 'ZINC ION'
4 water water
#
loop_
_entity_poly.entity_id
_entity_poly.type
_entity_poly.pdbx_seq_one_letter_code
_entity_poly.pdbx_strand_id
1 'polypeptide(L)'
;MNWKKCCWLSLTAVGLLAGSVVSQAEEIKSPLPVFKEGTLANGFRYTLVQLEGPKTRVDIRLIVDVGSIDEKDNESGVAH
MVAHMVFRASDAFPQGVSTELHKQGWGRGQSYNAVTNYERTMYMMSPPKGNLDLGATLQALSQMTGHAKLLQSDLDDERK
IILEEWRGKLGVAERMNQQRVQAIRHDSRYPSRPVIGTEESINDTPASVLQDFYQRWYHPSNMRLMIIGDITPADAEREI
QRYFAALPNVAVPTRDYYEPLLKPQLKVARLQDSQSGSSQVSFVYRFNDKDAFGQSEYRHRLLTQITMSAVTRQVRRQKA
ELPQDASSLVVRKSDIGKTTAALGFFANVMPGGHDAAISAVLKEIERFKRYPLNEQDITEITSDIREVAQRMSVTPETRE
FADWVQQLTIVWQQDRPYVGSQQRGKDALEALDTIKGEDVNRHWQRWLASPDTLAQFSVPGATPFTLPKPDAISKLQKQW
ALATLAPLRLEEKKIIPELPSVTQSGKRTAVKTFAAQKVEQWQLSNGDRVVWLRAPEAGKKVYLTATSQAGFMATAMNPW
QAQLASQLVNQSGPATWSGESLSNWKKEKTLSLSIDQEADQLTLSGTAPTEQLASLFGLYRELNVAPGIDPDVMKESMMS
LARQKANDDQSVGGKRASEMTKLRFGEPAWQQPEIAELKKISAPALLSQWHKAASAPVTYYLIADMPATQLLPQVERYLA
TIPRQPASEVKQHLALSGKREATSAINVEPRADILTWSFTPHAWTPQAAVQVSIARNIASKYLKTSLRDDALGIYRMRVD
SELEDKKQRIETEVSFTSAPERAQELWTLAEQAFSELPTKITQQDVDEQKAQFIRAEKGRQGDLTTIQRRLILSYRHYND
PRYLSNASKLADSITLESVRAMSAKLYNPDNRVLYITLPQEVKE
;
A
2 'polypeptide(L)'
;ATYKVKFITPEGELEVECDDDVYVLDAAEEAGIDLPYSCRAGSCSSCAGKVVSGSVDQSDQSFLDDEQIGEGFVLTCAAY
PTSDVTIETHKEEAIMLEHHHHHH
;
B,C
#
# COMPACT_ATOMS: atom_id res chain seq x y z
N GLU A 26 -8.96 17.05 -18.81
CA GLU A 26 -9.82 18.16 -19.19
C GLU A 26 -9.42 19.46 -18.50
N GLU A 27 -8.96 20.47 -19.25
CA GLU A 27 -8.58 21.72 -18.60
C GLU A 27 -9.80 22.59 -18.28
N ILE A 28 -10.69 22.82 -19.24
CA ILE A 28 -11.94 23.52 -18.95
C ILE A 28 -12.99 22.48 -18.53
N LYS A 29 -13.46 22.57 -17.29
CA LYS A 29 -14.42 21.60 -16.79
C LYS A 29 -15.72 21.69 -17.57
N SER A 30 -16.32 20.48 -17.92
CA SER A 30 -17.56 20.53 -18.66
C SER A 30 -18.77 20.43 -17.72
N PRO A 31 -19.87 21.04 -18.11
CA PRO A 31 -21.08 21.02 -17.29
C PRO A 31 -21.77 19.67 -17.31
N LEU A 32 -22.81 19.58 -16.48
CA LEU A 32 -23.65 18.41 -16.41
C LEU A 32 -24.09 18.02 -17.81
N PRO A 33 -23.83 16.79 -18.25
CA PRO A 33 -24.12 16.39 -19.63
C PRO A 33 -25.59 16.08 -19.86
N VAL A 34 -25.91 15.92 -21.13
CA VAL A 34 -27.21 15.43 -21.57
C VAL A 34 -27.09 13.92 -21.75
N PHE A 35 -28.06 13.19 -21.21
CA PHE A 35 -28.08 11.73 -21.26
C PHE A 35 -29.13 11.29 -22.27
N LYS A 36 -28.78 10.35 -23.13
CA LYS A 36 -29.77 9.66 -23.95
C LYS A 36 -29.66 8.17 -23.69
N GLU A 37 -30.77 7.55 -23.32
CA GLU A 37 -30.87 6.11 -23.13
C GLU A 37 -31.60 5.51 -24.31
N GLY A 38 -31.33 4.23 -24.56
CA GLY A 38 -31.97 3.53 -25.64
C GLY A 38 -31.88 2.04 -25.40
N THR A 39 -32.75 1.31 -26.07
CA THR A 39 -32.78 -0.15 -26.01
C THR A 39 -33.07 -0.67 -27.40
N LEU A 40 -32.19 -1.51 -27.95
CA LEU A 40 -32.47 -2.12 -29.24
C LEU A 40 -33.58 -3.17 -29.10
N ALA A 41 -34.09 -3.63 -30.25
CA ALA A 41 -35.17 -4.62 -30.20
C ALA A 41 -34.76 -5.89 -29.47
N ASN A 42 -33.48 -6.26 -29.53
CA ASN A 42 -33.02 -7.47 -28.88
C ASN A 42 -32.71 -7.28 -27.40
N GLY A 43 -33.03 -6.12 -26.82
CA GLY A 43 -32.82 -5.88 -25.40
C GLY A 43 -31.49 -5.24 -25.04
N PHE A 44 -30.61 -5.00 -26.00
CA PHE A 44 -29.34 -4.33 -25.75
C PHE A 44 -29.60 -2.89 -25.32
N ARG A 45 -29.06 -2.50 -24.15
CA ARG A 45 -29.24 -1.16 -23.59
C ARG A 45 -27.98 -0.32 -23.77
N TYR A 46 -28.16 0.97 -24.03
CA TYR A 46 -27.02 1.86 -24.21
C TYR A 46 -27.31 3.22 -23.58
N THR A 47 -26.24 3.89 -23.18
CA THR A 47 -26.31 5.20 -22.55
C THR A 47 -25.31 6.10 -23.25
N LEU A 48 -25.79 7.22 -23.78
CA LEU A 48 -24.97 8.15 -24.54
C LEU A 48 -24.86 9.44 -23.72
N VAL A 49 -23.64 9.85 -23.41
CA VAL A 49 -23.38 10.95 -22.49
C VAL A 49 -22.49 11.95 -23.24
N GLN A 50 -23.11 13.00 -23.79
CA GLN A 50 -22.36 14.00 -24.54
C GLN A 50 -21.89 15.08 -23.58
N LEU A 51 -20.57 15.28 -23.51
CA LEU A 51 -19.93 16.37 -22.79
C LEU A 51 -19.55 17.46 -23.77
N GLU A 52 -19.51 18.71 -23.32
CA GLU A 52 -19.14 19.68 -24.33
C GLU A 52 -17.62 19.79 -24.50
N GLY A 53 -16.84 19.03 -23.73
CA GLY A 53 -15.41 18.91 -23.96
C GLY A 53 -14.77 17.91 -23.01
N PRO A 54 -13.47 17.66 -23.17
CA PRO A 54 -12.58 18.24 -24.18
C PRO A 54 -12.78 17.64 -25.57
N LYS A 55 -12.39 18.38 -26.61
CA LYS A 55 -12.54 17.90 -27.97
C LYS A 55 -11.97 16.50 -28.14
N THR A 56 -12.75 15.66 -28.83
CA THR A 56 -12.39 14.33 -29.35
C THR A 56 -12.35 13.23 -28.29
N ARG A 57 -12.12 13.57 -27.02
CA ARG A 57 -12.07 12.56 -25.96
C ARG A 57 -13.35 11.72 -25.93
N VAL A 58 -13.17 10.42 -25.78
CA VAL A 58 -14.29 9.50 -25.62
C VAL A 58 -13.87 8.36 -24.70
N ASP A 59 -14.84 7.81 -23.98
CA ASP A 59 -14.66 6.64 -23.13
C ASP A 59 -15.84 5.72 -23.45
N ILE A 60 -15.55 4.44 -23.68
CA ILE A 60 -16.55 3.48 -24.12
C ILE A 60 -16.40 2.23 -23.27
N ARG A 61 -17.49 1.80 -22.61
CA ARG A 61 -17.48 0.61 -21.76
C ARG A 61 -18.73 -0.22 -21.99
N LEU A 62 -18.57 -1.53 -21.84
CA LEU A 62 -19.67 -2.46 -22.01
C LEU A 62 -19.63 -3.42 -20.83
N ILE A 63 -20.79 -3.64 -20.21
CA ILE A 63 -20.93 -4.58 -19.10
C ILE A 63 -21.78 -5.76 -19.58
N VAL A 64 -21.29 -6.97 -19.34
CA VAL A 64 -22.09 -8.18 -19.39
C VAL A 64 -22.37 -8.59 -17.96
N ASP A 65 -23.65 -8.77 -17.60
CA ASP A 65 -24.04 -9.09 -16.22
C ASP A 65 -23.79 -10.58 -15.97
N VAL A 66 -22.52 -10.94 -15.99
CA VAL A 66 -22.07 -12.26 -15.62
C VAL A 66 -20.72 -12.10 -14.94
N GLY A 67 -20.52 -12.83 -13.85
CA GLY A 67 -19.27 -12.84 -13.14
C GLY A 67 -18.97 -14.23 -12.58
N SER A 68 -17.96 -14.35 -11.71
CA SER A 68 -17.59 -15.67 -11.23
C SER A 68 -18.72 -16.32 -10.43
N ILE A 69 -19.60 -15.53 -9.81
CA ILE A 69 -20.67 -16.10 -8.99
C ILE A 69 -21.59 -16.99 -9.82
N ASP A 70 -21.68 -16.75 -11.14
CA ASP A 70 -22.59 -17.48 -12.01
C ASP A 70 -22.00 -18.79 -12.54
N GLU A 71 -20.73 -19.06 -12.27
CA GLU A 71 -20.10 -20.29 -12.73
C GLU A 71 -20.74 -21.50 -12.06
N LYS A 72 -20.91 -22.57 -12.82
CA LYS A 72 -21.24 -23.89 -12.28
C LYS A 72 -19.97 -24.53 -11.71
N ASP A 73 -20.13 -25.72 -11.13
CA ASP A 73 -19.02 -26.35 -10.42
C ASP A 73 -17.86 -26.69 -11.36
N ASN A 74 -18.15 -26.98 -12.63
CA ASN A 74 -17.12 -27.33 -13.60
C ASN A 74 -16.61 -26.13 -14.35
N GLU A 75 -16.86 -24.92 -13.85
CA GLU A 75 -16.60 -23.68 -14.58
C GLU A 75 -15.71 -22.73 -13.79
N SER A 76 -14.84 -23.28 -12.96
CA SER A 76 -14.05 -22.45 -12.04
C SER A 76 -13.13 -21.50 -12.80
N GLY A 77 -13.26 -20.19 -12.53
CA GLY A 77 -12.44 -19.21 -13.22
C GLY A 77 -12.86 -18.91 -14.65
N VAL A 78 -13.97 -19.48 -15.11
CA VAL A 78 -14.36 -19.39 -16.51
C VAL A 78 -14.89 -18.01 -16.89
N ALA A 79 -15.55 -17.27 -15.98
CA ALA A 79 -15.95 -15.90 -16.35
C ALA A 79 -14.74 -15.07 -16.73
N HIS A 80 -13.67 -15.18 -15.94
CA HIS A 80 -12.47 -14.40 -16.18
C HIS A 80 -11.69 -14.92 -17.39
N MET A 81 -11.69 -16.24 -17.59
CA MET A 81 -11.05 -16.81 -18.78
C MET A 81 -11.75 -16.35 -20.05
N VAL A 82 -13.08 -16.22 -20.01
CA VAL A 82 -13.81 -15.70 -21.16
C VAL A 82 -13.43 -14.25 -21.43
N ALA A 83 -13.30 -13.44 -20.36
CA ALA A 83 -12.92 -12.05 -20.51
C ALA A 83 -11.59 -11.92 -21.25
N HIS A 84 -10.71 -12.91 -21.09
CA HIS A 84 -9.47 -13.01 -21.85
C HIS A 84 -9.73 -13.48 -23.28
N MET A 85 -10.51 -14.54 -23.42
CA MET A 85 -10.62 -15.20 -24.70
C MET A 85 -11.42 -14.37 -25.71
N VAL A 86 -12.33 -13.49 -25.27
CA VAL A 86 -13.09 -12.71 -26.24
C VAL A 86 -12.19 -11.78 -27.03
N PHE A 87 -10.94 -11.57 -26.60
CA PHE A 87 -9.98 -10.79 -27.37
C PHE A 87 -9.22 -11.62 -28.41
N ARG A 88 -9.42 -12.93 -28.45
CA ARG A 88 -8.74 -13.75 -29.44
C ARG A 88 -9.60 -13.85 -30.71
N ALA A 89 -9.53 -14.97 -31.42
CA ALA A 89 -10.16 -15.08 -32.73
C ALA A 89 -11.67 -14.80 -32.66
N SER A 90 -12.16 -14.00 -33.60
CA SER A 90 -13.57 -13.72 -33.77
C SER A 90 -13.95 -13.94 -35.24
N ASP A 91 -15.27 -13.90 -35.51
CA ASP A 91 -15.77 -14.11 -36.87
C ASP A 91 -15.09 -13.21 -37.89
N ALA A 92 -14.91 -11.93 -37.55
CA ALA A 92 -14.33 -10.96 -38.46
C ALA A 92 -12.81 -10.92 -38.37
N PHE A 93 -12.24 -11.42 -37.28
CA PHE A 93 -10.83 -11.26 -36.96
C PHE A 93 -10.25 -12.61 -36.55
N PRO A 94 -10.03 -13.51 -37.52
CA PRO A 94 -9.41 -14.80 -37.18
C PRO A 94 -8.07 -14.70 -36.47
N GLN A 95 -7.28 -13.66 -36.73
CA GLN A 95 -6.02 -13.52 -35.99
C GLN A 95 -6.19 -12.87 -34.64
N GLY A 96 -7.41 -12.50 -34.27
CA GLY A 96 -7.67 -12.00 -32.92
C GLY A 96 -8.12 -10.55 -32.92
N VAL A 97 -9.11 -10.26 -32.07
CA VAL A 97 -9.55 -8.89 -31.87
C VAL A 97 -8.40 -8.01 -31.38
N SER A 98 -7.69 -8.46 -30.35
CA SER A 98 -6.63 -7.60 -29.83
C SER A 98 -5.51 -7.42 -30.85
N THR A 99 -5.26 -8.45 -31.67
CA THR A 99 -4.33 -8.30 -32.78
C THR A 99 -4.76 -7.15 -33.69
N GLU A 100 -6.02 -7.16 -34.14
CA GLU A 100 -6.53 -6.08 -34.97
C GLU A 100 -6.34 -4.73 -34.27
N LEU A 101 -6.70 -4.64 -32.99
CA LEU A 101 -6.55 -3.38 -32.27
C LEU A 101 -5.09 -2.95 -32.21
N HIS A 102 -4.19 -3.89 -31.92
N HIS A 102 -4.17 -3.88 -31.94
CA HIS A 102 -2.76 -3.60 -31.93
CA HIS A 102 -2.76 -3.54 -31.92
C HIS A 102 -2.35 -2.95 -33.25
C HIS A 102 -2.31 -2.96 -33.25
N LYS A 103 -2.80 -3.53 -34.36
CA LYS A 103 -2.40 -3.03 -35.67
C LYS A 103 -2.92 -1.62 -35.94
N GLN A 104 -3.99 -1.20 -35.27
CA GLN A 104 -4.49 0.16 -35.41
C GLN A 104 -4.04 1.07 -34.26
N GLY A 105 -3.02 0.65 -33.52
CA GLY A 105 -2.33 1.54 -32.60
C GLY A 105 -2.79 1.49 -31.16
N TRP A 106 -3.62 0.54 -30.78
CA TRP A 106 -4.05 0.40 -29.40
C TRP A 106 -3.02 -0.37 -28.58
N GLY A 107 -2.91 -0.02 -27.30
CA GLY A 107 -2.09 -0.78 -26.36
C GLY A 107 -2.97 -1.45 -25.31
N ARG A 108 -2.61 -2.68 -24.94
CA ARG A 108 -3.34 -3.39 -23.89
C ARG A 108 -3.26 -2.61 -22.58
N GLY A 109 -4.38 -2.55 -21.88
CA GLY A 109 -4.39 -1.82 -20.62
C GLY A 109 -4.67 -0.35 -20.77
N GLN A 110 -3.89 0.36 -21.57
CA GLN A 110 -4.10 1.78 -21.73
C GLN A 110 -5.25 2.07 -22.69
N SER A 111 -5.38 1.30 -23.76
CA SER A 111 -6.43 1.50 -24.74
C SER A 111 -7.61 0.54 -24.58
N TYR A 112 -7.35 -0.72 -24.27
CA TYR A 112 -8.43 -1.68 -24.02
C TYR A 112 -8.12 -2.49 -22.77
N ASN A 113 -9.18 -2.85 -22.05
CA ASN A 113 -9.03 -3.59 -20.80
C ASN A 113 -10.35 -4.30 -20.50
N ALA A 114 -10.25 -5.34 -19.68
CA ALA A 114 -11.41 -6.02 -19.14
C ALA A 114 -11.21 -6.21 -17.65
N VAL A 115 -12.31 -6.15 -16.91
CA VAL A 115 -12.27 -6.51 -15.49
C VAL A 115 -13.47 -7.38 -15.16
N THR A 116 -13.20 -8.47 -14.45
CA THR A 116 -14.19 -9.45 -14.03
C THR A 116 -14.24 -9.45 -12.51
N ASN A 117 -15.45 -9.40 -11.94
CA ASN A 117 -15.59 -9.58 -10.50
C ASN A 117 -16.66 -10.65 -10.26
N TYR A 118 -17.20 -10.68 -9.05
CA TYR A 118 -18.17 -11.72 -8.71
C TYR A 118 -19.41 -11.66 -9.59
N GLU A 119 -19.89 -10.44 -9.90
CA GLU A 119 -21.20 -10.20 -10.50
C GLU A 119 -21.20 -9.81 -11.98
N ARG A 120 -20.10 -9.25 -12.49
N ARG A 120 -20.10 -9.23 -12.47
CA ARG A 120 -20.18 -8.69 -13.83
CA ARG A 120 -20.10 -8.53 -13.76
C ARG A 120 -18.81 -8.67 -14.48
C ARG A 120 -18.78 -8.73 -14.47
N THR A 121 -18.82 -8.59 -15.80
CA THR A 121 -17.62 -8.49 -16.61
C THR A 121 -17.73 -7.16 -17.35
N MET A 122 -16.70 -6.33 -17.25
N MET A 122 -16.71 -6.34 -17.24
CA MET A 122 -16.72 -5.00 -17.85
CA MET A 122 -16.70 -5.01 -17.86
C MET A 122 -15.56 -4.85 -18.84
C MET A 122 -15.57 -4.92 -18.85
N TYR A 123 -15.88 -4.46 -20.06
CA TYR A 123 -14.90 -4.18 -21.10
C TYR A 123 -14.80 -2.68 -21.24
N MET A 124 -13.56 -2.16 -21.26
CA MET A 124 -13.31 -0.72 -21.31
C MET A 124 -12.40 -0.40 -22.48
N MET A 125 -12.73 0.67 -23.21
CA MET A 125 -12.02 1.05 -24.42
C MET A 125 -11.77 2.55 -24.41
N SER A 126 -10.53 2.94 -24.67
CA SER A 126 -10.16 4.34 -24.87
C SER A 126 -9.41 4.37 -26.18
N PRO A 127 -10.11 4.62 -27.29
CA PRO A 127 -9.46 4.57 -28.61
C PRO A 127 -8.41 5.66 -28.74
N PRO A 128 -7.28 5.36 -29.38
CA PRO A 128 -6.21 6.37 -29.51
C PRO A 128 -6.66 7.65 -30.17
N LYS A 129 -7.50 7.58 -31.19
CA LYS A 129 -7.98 8.78 -31.88
C LYS A 129 -9.32 9.27 -31.34
N GLY A 130 -9.69 8.86 -30.12
CA GLY A 130 -10.91 9.37 -29.53
C GLY A 130 -12.14 9.09 -30.37
N ASN A 131 -12.99 10.10 -30.54
CA ASN A 131 -14.30 9.90 -31.16
C ASN A 131 -14.21 9.53 -32.63
N LEU A 132 -13.06 9.75 -33.27
CA LEU A 132 -12.92 9.33 -34.66
C LEU A 132 -12.90 7.81 -34.77
N ASP A 133 -12.45 7.12 -33.72
CA ASP A 133 -12.35 5.66 -33.69
C ASP A 133 -13.61 5.00 -33.14
N LEU A 134 -14.73 5.71 -33.03
CA LEU A 134 -15.89 5.16 -32.34
C LEU A 134 -16.42 3.93 -33.06
N GLY A 135 -16.53 4.00 -34.40
CA GLY A 135 -17.04 2.86 -35.15
C GLY A 135 -16.14 1.63 -35.05
N ALA A 136 -14.82 1.83 -35.16
CA ALA A 136 -13.90 0.72 -34.97
C ALA A 136 -14.03 0.13 -33.57
N THR A 137 -14.28 0.96 -32.58
CA THR A 137 -14.42 0.47 -31.22
C THR A 137 -15.66 -0.40 -31.09
N LEU A 138 -16.77 0.04 -31.67
N LEU A 138 -16.78 0.05 -31.65
CA LEU A 138 -18.01 -0.73 -31.60
CA LEU A 138 -18.01 -0.73 -31.59
C LEU A 138 -17.94 -2.00 -32.43
C LEU A 138 -17.93 -2.01 -32.43
N GLN A 139 -17.20 -1.99 -33.54
CA GLN A 139 -17.00 -3.24 -34.27
C GLN A 139 -16.19 -4.22 -33.43
N ALA A 140 -15.15 -3.73 -32.74
CA ALA A 140 -14.37 -4.61 -31.88
C ALA A 140 -15.20 -5.15 -30.73
N LEU A 141 -15.97 -4.28 -30.07
CA LEU A 141 -16.75 -4.72 -28.90
C LEU A 141 -17.85 -5.69 -29.30
N SER A 142 -18.49 -5.47 -30.46
CA SER A 142 -19.52 -6.40 -30.92
C SER A 142 -18.92 -7.74 -31.36
N GLN A 143 -17.73 -7.72 -31.94
CA GLN A 143 -17.01 -8.97 -32.20
C GLN A 143 -16.74 -9.73 -30.90
N MET A 144 -16.28 -9.01 -29.86
CA MET A 144 -15.95 -9.67 -28.60
C MET A 144 -17.16 -10.30 -27.95
N THR A 145 -18.29 -9.60 -27.96
CA THR A 145 -19.44 -10.06 -27.19
C THR A 145 -20.41 -10.89 -28.01
N GLY A 146 -20.32 -10.85 -29.33
CA GLY A 146 -21.26 -11.60 -30.15
C GLY A 146 -20.64 -12.60 -31.11
N HIS A 147 -19.33 -12.54 -31.33
CA HIS A 147 -18.74 -13.36 -32.39
C HIS A 147 -17.40 -13.97 -32.01
N ALA A 148 -17.09 -14.09 -30.72
CA ALA A 148 -15.86 -14.74 -30.30
C ALA A 148 -15.87 -16.22 -30.70
N LYS A 149 -14.73 -16.69 -31.22
CA LYS A 149 -14.60 -18.10 -31.61
C LYS A 149 -14.32 -18.99 -30.40
N LEU A 150 -13.54 -18.49 -29.43
CA LEU A 150 -13.14 -19.25 -28.23
C LEU A 150 -12.51 -20.58 -28.62
N LEU A 151 -11.44 -20.47 -29.40
CA LEU A 151 -10.78 -21.64 -29.99
C LEU A 151 -9.88 -22.33 -28.97
N GLN A 152 -9.89 -23.67 -29.00
CA GLN A 152 -8.97 -24.43 -28.17
C GLN A 152 -7.52 -24.02 -28.43
N SER A 153 -7.16 -23.78 -29.71
CA SER A 153 -5.80 -23.34 -30.00
C SER A 153 -5.50 -22.01 -29.34
N ASP A 154 -6.43 -21.05 -29.40
CA ASP A 154 -6.20 -19.76 -28.74
C ASP A 154 -6.13 -19.92 -27.23
N LEU A 155 -7.00 -20.78 -26.66
CA LEU A 155 -6.98 -21.00 -25.21
C LEU A 155 -5.66 -21.59 -24.75
N ASP A 156 -5.12 -22.54 -25.53
CA ASP A 156 -3.85 -23.16 -25.15
C ASP A 156 -2.70 -22.16 -25.20
N ASP A 157 -2.83 -21.12 -26.04
CA ASP A 157 -1.85 -20.04 -26.06
C ASP A 157 -2.11 -19.04 -24.92
N GLU A 158 -3.38 -18.78 -24.61
CA GLU A 158 -3.73 -17.80 -23.60
C GLU A 158 -3.51 -18.30 -22.18
N ARG A 159 -3.48 -19.62 -22.00
CA ARG A 159 -3.32 -20.20 -20.67
C ARG A 159 -2.03 -19.74 -20.00
N LYS A 160 -0.97 -19.51 -20.78
CA LYS A 160 0.27 -18.96 -20.25
C LYS A 160 0.00 -17.69 -19.46
N ILE A 161 -0.76 -16.77 -20.05
CA ILE A 161 -1.01 -15.48 -19.44
C ILE A 161 -1.88 -15.64 -18.19
N ILE A 162 -2.90 -16.48 -18.27
CA ILE A 162 -3.82 -16.65 -17.15
C ILE A 162 -3.13 -17.37 -16.00
N LEU A 163 -2.33 -18.39 -16.31
CA LEU A 163 -1.53 -19.04 -15.27
C LEU A 163 -0.60 -18.06 -14.59
N GLU A 164 0.01 -17.14 -15.35
CA GLU A 164 0.90 -16.17 -14.75
C GLU A 164 0.14 -15.25 -13.79
N GLU A 165 -1.10 -14.89 -14.13
CA GLU A 165 -1.89 -14.05 -13.22
C GLU A 165 -2.28 -14.83 -11.99
N TRP A 166 -2.61 -16.12 -12.17
CA TRP A 166 -2.91 -16.97 -11.03
C TRP A 166 -1.72 -17.03 -10.08
N ARG A 167 -0.51 -17.23 -10.62
CA ARG A 167 0.69 -17.27 -9.79
C ARG A 167 0.88 -15.97 -9.02
N GLY A 168 0.71 -14.83 -9.68
CA GLY A 168 0.86 -13.54 -9.04
C GLY A 168 -0.20 -13.23 -8.01
N LYS A 169 -1.32 -13.94 -8.03
CA LYS A 169 -2.35 -13.82 -7.01
C LYS A 169 -2.17 -14.83 -5.89
N LEU A 170 -1.01 -15.47 -5.80
CA LEU A 170 -0.73 -16.35 -4.66
C LEU A 170 0.02 -15.55 -3.61
N GLY A 171 -0.05 -16.03 -2.37
CA GLY A 171 0.60 -15.33 -1.28
C GLY A 171 -0.36 -15.05 -0.15
N VAL A 172 0.17 -14.46 0.91
CA VAL A 172 -0.56 -14.45 2.18
C VAL A 172 -1.73 -13.48 2.12
N ALA A 173 -1.58 -12.35 1.45
CA ALA A 173 -2.68 -11.39 1.42
C ALA A 173 -3.91 -11.99 0.73
N GLU A 174 -3.71 -12.63 -0.43
CA GLU A 174 -4.82 -13.31 -1.12
C GLU A 174 -5.41 -14.43 -0.27
N ARG A 175 -4.56 -15.26 0.33
CA ARG A 175 -5.06 -16.35 1.16
C ARG A 175 -5.90 -15.81 2.34
N MET A 176 -5.42 -14.74 3.00
CA MET A 176 -6.21 -14.17 4.09
C MET A 176 -7.49 -13.52 3.59
N ASN A 177 -7.48 -12.93 2.39
CA ASN A 177 -8.71 -12.38 1.84
C ASN A 177 -9.76 -13.47 1.65
N GLN A 178 -9.32 -14.68 1.28
CA GLN A 178 -10.25 -15.79 1.12
C GLN A 178 -10.74 -16.29 2.47
N GLN A 179 -9.85 -16.32 3.47
CA GLN A 179 -10.28 -16.59 4.85
C GLN A 179 -11.41 -15.64 5.26
N ARG A 180 -11.27 -14.36 4.92
CA ARG A 180 -12.26 -13.37 5.34
C ARG A 180 -13.58 -13.53 4.58
N VAL A 181 -13.51 -13.79 3.26
CA VAL A 181 -14.72 -14.04 2.47
C VAL A 181 -15.46 -15.27 2.97
N GLN A 182 -14.73 -16.37 3.24
CA GLN A 182 -15.35 -17.61 3.73
C GLN A 182 -16.15 -17.38 5.02
N ALA A 183 -15.66 -16.51 5.89
CA ALA A 183 -16.32 -16.29 7.17
C ALA A 183 -17.45 -15.28 7.02
N ILE A 184 -17.14 -14.07 6.53
CA ILE A 184 -18.15 -13.01 6.53
C ILE A 184 -19.23 -13.26 5.50
N ARG A 185 -18.94 -13.99 4.41
CA ARG A 185 -19.96 -14.38 3.45
C ARG A 185 -20.30 -15.88 3.53
N HIS A 186 -20.17 -16.47 4.72
CA HIS A 186 -20.54 -17.87 4.86
C HIS A 186 -22.02 -18.05 4.52
N ASP A 187 -22.33 -19.25 4.01
CA ASP A 187 -23.66 -19.61 3.48
C ASP A 187 -24.03 -18.77 2.26
N SER A 188 -23.06 -18.49 1.41
CA SER A 188 -23.33 -17.83 0.14
C SER A 188 -22.53 -18.50 -0.95
N ARG A 189 -22.74 -18.03 -2.19
CA ARG A 189 -22.01 -18.58 -3.32
C ARG A 189 -20.60 -18.02 -3.41
N TYR A 190 -20.32 -16.90 -2.75
CA TYR A 190 -19.06 -16.18 -2.97
C TYR A 190 -17.82 -16.95 -2.54
N PRO A 191 -17.77 -17.65 -1.40
CA PRO A 191 -16.51 -18.31 -1.01
C PRO A 191 -16.04 -19.35 -1.99
N SER A 192 -16.94 -20.08 -2.66
CA SER A 192 -16.51 -21.12 -3.59
C SER A 192 -16.28 -20.58 -5.00
N ARG A 193 -16.40 -19.27 -5.22
N ARG A 193 -16.43 -19.29 -5.25
CA ARG A 193 -16.33 -18.69 -6.57
CA ARG A 193 -16.28 -18.73 -6.59
C ARG A 193 -15.33 -17.54 -6.67
C ARG A 193 -15.34 -17.53 -6.58
N PRO A 194 -14.05 -17.76 -6.30
CA PRO A 194 -13.06 -16.69 -6.52
C PRO A 194 -12.91 -16.44 -8.02
N VAL A 195 -12.62 -15.18 -8.38
CA VAL A 195 -12.63 -14.80 -9.78
C VAL A 195 -11.58 -15.58 -10.57
N ILE A 196 -10.39 -15.77 -10.00
CA ILE A 196 -9.32 -16.38 -10.79
C ILE A 196 -9.57 -17.87 -11.03
N GLY A 197 -10.35 -18.53 -10.18
CA GLY A 197 -10.57 -19.96 -10.33
C GLY A 197 -9.42 -20.76 -9.73
N THR A 198 -9.32 -22.02 -10.14
CA THR A 198 -8.32 -22.94 -9.60
C THR A 198 -7.25 -23.24 -10.64
N GLU A 199 -6.06 -23.59 -10.15
CA GLU A 199 -4.97 -23.99 -11.06
C GLU A 199 -5.38 -25.14 -11.96
N GLU A 200 -6.14 -26.10 -11.42
CA GLU A 200 -6.62 -27.22 -12.22
C GLU A 200 -7.54 -26.76 -13.34
N SER A 201 -8.53 -25.90 -13.02
CA SER A 201 -9.43 -25.40 -14.06
C SER A 201 -8.67 -24.61 -15.12
N ILE A 202 -7.71 -23.78 -14.71
CA ILE A 202 -6.93 -23.02 -15.68
C ILE A 202 -6.17 -23.96 -16.61
N ASN A 203 -5.64 -25.05 -16.06
CA ASN A 203 -4.85 -25.98 -16.86
C ASN A 203 -5.72 -26.89 -17.70
N ASP A 204 -6.90 -27.29 -17.18
CA ASP A 204 -7.62 -28.42 -17.74
C ASP A 204 -8.93 -28.09 -18.44
N THR A 205 -9.55 -26.96 -18.12
CA THR A 205 -10.88 -26.70 -18.67
C THR A 205 -10.80 -26.55 -20.18
N PRO A 206 -11.60 -27.30 -20.94
CA PRO A 206 -11.53 -27.21 -22.39
C PRO A 206 -12.31 -26.01 -22.93
N ALA A 207 -11.86 -25.56 -24.10
CA ALA A 207 -12.56 -24.48 -24.81
C ALA A 207 -14.05 -24.73 -24.92
N SER A 208 -14.48 -26.00 -25.04
CA SER A 208 -15.91 -26.28 -25.16
C SER A 208 -16.69 -25.75 -23.96
N VAL A 209 -16.09 -25.80 -22.77
CA VAL A 209 -16.79 -25.30 -21.58
C VAL A 209 -16.91 -23.79 -21.64
N LEU A 210 -15.85 -23.10 -22.10
CA LEU A 210 -15.92 -21.65 -22.26
C LEU A 210 -16.98 -21.27 -23.27
N GLN A 211 -17.08 -22.04 -24.37
CA GLN A 211 -18.08 -21.76 -25.39
C GLN A 211 -19.50 -21.89 -24.85
N ASP A 212 -19.77 -22.93 -24.05
CA ASP A 212 -21.10 -23.06 -23.45
C ASP A 212 -21.39 -21.93 -22.46
N PHE A 213 -20.39 -21.49 -21.71
CA PHE A 213 -20.58 -20.37 -20.78
C PHE A 213 -20.89 -19.07 -21.53
N TYR A 214 -20.08 -18.76 -22.55
CA TYR A 214 -20.35 -17.64 -23.44
C TYR A 214 -21.75 -17.72 -24.04
N GLN A 215 -22.10 -18.89 -24.58
CA GLN A 215 -23.40 -19.02 -25.22
C GLN A 215 -24.55 -19.00 -24.22
N ARG A 216 -24.26 -19.18 -22.93
CA ARG A 216 -25.31 -19.08 -21.92
C ARG A 216 -25.56 -17.63 -21.50
N TRP A 217 -24.50 -16.82 -21.39
CA TRP A 217 -24.60 -15.53 -20.70
C TRP A 217 -24.37 -14.32 -21.60
N TYR A 218 -23.67 -14.46 -22.72
CA TYR A 218 -23.33 -13.31 -23.56
C TYR A 218 -24.45 -13.11 -24.59
N HIS A 219 -25.49 -12.41 -24.15
CA HIS A 219 -26.66 -12.12 -24.95
C HIS A 219 -27.04 -10.66 -24.75
N PRO A 220 -27.63 -10.03 -25.78
CA PRO A 220 -27.83 -8.57 -25.73
C PRO A 220 -28.68 -8.10 -24.55
N SER A 221 -29.66 -8.86 -24.11
CA SER A 221 -30.47 -8.41 -22.97
C SER A 221 -29.74 -8.60 -21.65
N ASN A 222 -28.54 -9.16 -21.67
CA ASN A 222 -27.70 -9.25 -20.49
C ASN A 222 -26.54 -8.26 -20.56
N MET A 223 -26.59 -7.30 -21.49
CA MET A 223 -25.46 -6.40 -21.74
C MET A 223 -25.91 -4.96 -21.81
N ARG A 224 -25.00 -4.05 -21.46
CA ARG A 224 -25.28 -2.62 -21.57
C ARG A 224 -24.00 -1.86 -21.90
N LEU A 225 -24.18 -0.77 -22.64
CA LEU A 225 -23.10 0.02 -23.18
C LEU A 225 -23.24 1.47 -22.73
N MET A 226 -22.11 2.11 -22.45
CA MET A 226 -22.10 3.53 -22.15
C MET A 226 -20.97 4.20 -22.93
N ILE A 227 -21.28 5.33 -23.56
CA ILE A 227 -20.33 6.11 -24.32
C ILE A 227 -20.31 7.52 -23.75
N ILE A 228 -19.14 7.99 -23.35
CA ILE A 228 -18.98 9.29 -22.70
C ILE A 228 -18.03 10.16 -23.51
N GLY A 229 -18.47 11.37 -23.85
CA GLY A 229 -17.53 12.35 -24.34
C GLY A 229 -18.01 13.19 -25.50
N ASP A 230 -17.09 13.43 -26.45
CA ASP A 230 -17.32 14.30 -27.61
C ASP A 230 -17.96 13.48 -28.71
N ILE A 231 -19.28 13.30 -28.59
CA ILE A 231 -20.05 12.49 -29.52
C ILE A 231 -21.24 13.29 -30.02
N THR A 232 -21.79 12.84 -31.13
CA THR A 232 -23.12 13.20 -31.58
C THR A 232 -24.04 12.04 -31.24
N PRO A 233 -25.00 12.22 -30.32
CA PRO A 233 -25.83 11.08 -29.91
C PRO A 233 -26.55 10.39 -31.07
N ALA A 234 -26.92 11.13 -32.12
CA ALA A 234 -27.59 10.50 -33.26
C ALA A 234 -26.65 9.55 -33.98
N ASP A 235 -25.43 10.02 -34.29
CA ASP A 235 -24.46 9.18 -35.00
C ASP A 235 -24.09 7.95 -34.18
N ALA A 236 -23.81 8.14 -32.89
CA ALA A 236 -23.39 7.05 -32.03
C ALA A 236 -24.43 5.93 -32.00
N GLU A 237 -25.71 6.30 -31.86
CA GLU A 237 -26.71 5.25 -31.77
C GLU A 237 -26.97 4.59 -33.12
N ARG A 238 -26.70 5.29 -34.23
CA ARG A 238 -26.69 4.60 -35.52
C ARG A 238 -25.54 3.60 -35.59
N GLU A 239 -24.38 3.95 -35.02
CA GLU A 239 -23.29 2.99 -34.94
C GLU A 239 -23.66 1.80 -34.04
N ILE A 240 -24.40 2.06 -32.96
CA ILE A 240 -24.77 0.98 -32.06
C ILE A 240 -25.74 0.03 -32.74
N GLN A 241 -26.72 0.58 -33.46
CA GLN A 241 -27.63 -0.27 -34.22
C GLN A 241 -26.86 -1.09 -35.24
N ARG A 242 -25.90 -0.47 -35.93
CA ARG A 242 -25.17 -1.17 -36.97
C ARG A 242 -24.49 -2.42 -36.43
N TYR A 243 -23.85 -2.31 -35.26
CA TYR A 243 -23.03 -3.40 -34.76
C TYR A 243 -23.73 -4.34 -33.77
N PHE A 244 -24.85 -3.94 -33.17
CA PHE A 244 -25.44 -4.74 -32.10
C PHE A 244 -26.87 -5.20 -32.35
N ALA A 245 -27.58 -4.61 -33.32
CA ALA A 245 -28.99 -4.92 -33.52
C ALA A 245 -29.20 -6.39 -33.94
N ALA A 246 -28.28 -6.94 -34.74
CA ALA A 246 -28.46 -8.28 -35.28
C ALA A 246 -28.21 -9.39 -34.27
N LEU A 247 -27.73 -9.09 -33.06
CA LEU A 247 -27.49 -10.16 -32.10
C LEU A 247 -28.81 -10.82 -31.73
N PRO A 248 -28.92 -12.15 -31.78
CA PRO A 248 -30.19 -12.79 -31.46
C PRO A 248 -30.60 -12.51 -30.02
N ASN A 249 -31.90 -12.27 -29.82
CA ASN A 249 -32.43 -12.00 -28.48
C ASN A 249 -32.69 -13.32 -27.78
N VAL A 250 -31.77 -13.72 -26.90
CA VAL A 250 -31.87 -14.97 -26.15
C VAL A 250 -31.85 -14.61 -24.66
N ALA A 251 -32.80 -15.15 -23.90
CA ALA A 251 -32.82 -14.88 -22.47
C ALA A 251 -31.72 -15.66 -21.76
N VAL A 252 -31.25 -15.10 -20.65
CA VAL A 252 -30.28 -15.79 -19.79
C VAL A 252 -31.05 -16.33 -18.59
N PRO A 253 -30.52 -17.29 -17.85
CA PRO A 253 -31.25 -17.81 -16.69
C PRO A 253 -31.62 -16.70 -15.70
N THR A 254 -32.71 -16.90 -14.98
CA THR A 254 -33.05 -16.01 -13.89
C THR A 254 -32.21 -16.36 -12.65
N ARG A 255 -31.79 -15.34 -11.91
CA ARG A 255 -30.88 -15.51 -10.80
C ARG A 255 -31.37 -14.75 -9.59
N ASP A 256 -31.34 -15.43 -8.44
CA ASP A 256 -31.67 -14.80 -7.18
C ASP A 256 -30.77 -15.39 -6.12
N TYR A 257 -29.47 -15.43 -6.40
CA TYR A 257 -28.56 -16.08 -5.48
C TYR A 257 -27.41 -15.15 -5.06
N TYR A 258 -27.66 -13.84 -5.01
CA TYR A 258 -26.58 -12.91 -4.72
C TYR A 258 -26.39 -12.65 -3.23
N GLU A 259 -27.29 -13.14 -2.35
CA GLU A 259 -27.12 -12.87 -0.93
C GLU A 259 -26.69 -14.11 -0.15
N PRO A 260 -25.95 -13.94 0.95
CA PRO A 260 -25.83 -15.02 1.92
C PRO A 260 -27.21 -15.37 2.46
N LEU A 261 -27.37 -16.62 2.88
CA LEU A 261 -28.65 -17.06 3.43
C LEU A 261 -28.68 -16.67 4.90
N LEU A 262 -29.21 -15.48 5.18
CA LEU A 262 -29.19 -14.98 6.55
C LEU A 262 -30.14 -15.79 7.42
N LYS A 263 -29.73 -16.06 8.66
CA LYS A 263 -30.56 -16.76 9.63
C LYS A 263 -30.08 -16.36 11.03
N PRO A 264 -30.96 -16.40 12.04
CA PRO A 264 -30.48 -16.15 13.41
C PRO A 264 -29.42 -17.16 13.79
N GLN A 265 -28.27 -16.65 14.25
CA GLN A 265 -27.16 -17.55 14.54
C GLN A 265 -26.07 -16.74 15.22
N LEU A 266 -25.17 -17.48 15.88
CA LEU A 266 -23.90 -16.97 16.36
C LEU A 266 -22.87 -17.91 15.74
N LYS A 267 -22.36 -17.53 14.57
CA LYS A 267 -21.31 -18.30 13.91
C LYS A 267 -19.95 -17.85 14.45
N VAL A 268 -19.06 -18.81 14.67
CA VAL A 268 -17.71 -18.53 15.14
C VAL A 268 -16.74 -19.05 14.10
N ALA A 269 -15.79 -18.21 13.70
CA ALA A 269 -14.84 -18.59 12.66
C ALA A 269 -13.43 -18.19 13.06
N ARG A 270 -12.46 -18.94 12.59
CA ARG A 270 -11.08 -18.51 12.67
C ARG A 270 -10.64 -18.03 11.29
N LEU A 271 -9.91 -16.92 11.25
CA LEU A 271 -9.26 -16.44 10.03
C LEU A 271 -7.79 -16.79 10.20
N GLN A 272 -7.30 -17.74 9.40
CA GLN A 272 -6.04 -18.39 9.71
C GLN A 272 -5.17 -18.52 8.47
N ASP A 273 -3.91 -18.12 8.61
CA ASP A 273 -2.86 -18.47 7.68
C ASP A 273 -1.52 -18.52 8.42
N SER A 274 -0.73 -19.55 8.16
N SER A 274 -0.74 -19.56 8.13
CA SER A 274 0.51 -19.70 8.92
CA SER A 274 0.55 -19.80 8.76
C SER A 274 1.59 -18.69 8.51
C SER A 274 1.56 -18.69 8.51
N GLN A 275 1.32 -17.80 7.56
CA GLN A 275 2.25 -16.75 7.23
C GLN A 275 1.73 -15.36 7.59
N SER A 276 0.58 -15.28 8.25
CA SER A 276 -0.06 -14.01 8.55
C SER A 276 0.24 -13.58 9.99
N GLY A 277 0.56 -12.30 10.16
CA GLY A 277 0.71 -11.76 11.50
C GLY A 277 -0.56 -11.23 12.12
N SER A 278 -1.71 -11.47 11.48
CA SER A 278 -2.99 -10.96 11.97
C SER A 278 -3.28 -11.46 13.38
N SER A 279 -3.65 -10.53 14.28
CA SER A 279 -3.97 -10.83 15.67
C SER A 279 -5.15 -9.94 16.05
N GLN A 280 -6.36 -10.50 15.94
CA GLN A 280 -7.55 -9.66 15.83
C GLN A 280 -8.78 -10.46 16.21
N VAL A 281 -9.73 -9.79 16.86
CA VAL A 281 -11.04 -10.34 17.12
C VAL A 281 -12.07 -9.38 16.57
N SER A 282 -13.23 -9.91 16.22
CA SER A 282 -14.29 -9.06 15.71
C SER A 282 -15.63 -9.73 15.99
N PHE A 283 -16.67 -8.90 16.03
CA PHE A 283 -18.05 -9.37 16.11
C PHE A 283 -18.88 -8.64 15.06
N VAL A 284 -19.64 -9.40 14.27
CA VAL A 284 -20.21 -8.89 13.02
C VAL A 284 -21.70 -9.21 12.99
N TYR A 285 -22.49 -8.22 12.57
CA TYR A 285 -23.91 -8.34 12.25
C TYR A 285 -24.10 -8.34 10.74
N ARG A 286 -24.97 -9.22 10.24
CA ARG A 286 -25.27 -9.29 8.82
C ARG A 286 -26.77 -9.08 8.61
N PHE A 287 -27.13 -8.25 7.63
CA PHE A 287 -28.53 -7.83 7.49
C PHE A 287 -28.78 -7.32 6.09
N ASN A 288 -30.06 -7.27 5.71
CA ASN A 288 -30.48 -6.65 4.45
C ASN A 288 -30.39 -5.12 4.64
N ASP A 289 -29.44 -4.49 3.95
CA ASP A 289 -29.12 -3.07 4.08
C ASP A 289 -29.92 -2.18 3.14
N LYS A 290 -30.67 -2.77 2.22
CA LYS A 290 -31.43 -2.00 1.23
C LYS A 290 -32.89 -1.85 1.61
N ASP A 291 -33.37 -2.59 2.60
CA ASP A 291 -34.71 -2.36 3.12
C ASP A 291 -34.75 -0.99 3.79
N ALA A 292 -35.57 -0.09 3.25
CA ALA A 292 -35.72 1.25 3.80
C ALA A 292 -36.97 1.40 4.65
N PHE A 293 -37.73 0.33 4.86
CA PHE A 293 -38.85 0.31 5.81
C PHE A 293 -39.92 1.35 5.47
N GLY A 294 -40.29 1.41 4.19
CA GLY A 294 -41.35 2.29 3.75
C GLY A 294 -41.01 3.75 3.63
N GLN A 295 -39.73 4.12 3.76
CA GLN A 295 -39.33 5.52 3.73
C GLN A 295 -38.43 5.77 2.52
N SER A 296 -38.03 7.02 2.37
CA SER A 296 -37.14 7.40 1.27
C SER A 296 -35.86 6.60 1.33
N GLU A 297 -35.49 6.00 0.21
CA GLU A 297 -34.27 5.20 0.18
C GLU A 297 -33.05 6.10 0.22
N TYR A 298 -33.12 7.28 -0.40
CA TYR A 298 -32.09 8.29 -0.23
C TYR A 298 -31.94 8.69 1.24
N ARG A 299 -33.06 8.95 1.91
CA ARG A 299 -33.02 9.29 3.33
C ARG A 299 -32.39 8.16 4.15
N HIS A 300 -32.70 6.92 3.77
CA HIS A 300 -32.12 5.77 4.47
C HIS A 300 -30.60 5.73 4.31
N ARG A 301 -30.09 5.97 3.10
N ARG A 301 -30.11 5.93 3.09
CA ARG A 301 -28.65 6.00 2.92
CA ARG A 301 -28.66 6.02 2.89
C ARG A 301 -28.01 7.20 3.60
C ARG A 301 -28.07 7.15 3.71
N LEU A 302 -28.77 8.28 3.77
CA LEU A 302 -28.28 9.41 4.55
C LEU A 302 -28.22 9.08 6.05
N LEU A 303 -29.21 8.35 6.57
CA LEU A 303 -29.16 7.91 7.96
C LEU A 303 -27.97 7.01 8.20
N THR A 304 -27.64 6.16 7.23
CA THR A 304 -26.49 5.29 7.33
C THR A 304 -25.20 6.10 7.41
N GLN A 305 -25.05 7.14 6.58
CA GLN A 305 -23.85 7.95 6.67
C GLN A 305 -23.76 8.66 8.03
N ILE A 306 -24.87 9.27 8.47
CA ILE A 306 -24.87 9.94 9.77
C ILE A 306 -24.55 8.94 10.88
N THR A 307 -25.20 7.78 10.86
CA THR A 307 -24.97 6.78 11.90
C THR A 307 -23.50 6.35 11.92
N MET A 308 -22.94 6.02 10.76
CA MET A 308 -21.53 5.59 10.74
C MET A 308 -20.60 6.70 11.22
N SER A 309 -20.84 7.95 10.81
CA SER A 309 -19.99 9.03 11.31
C SER A 309 -20.09 9.15 12.82
N ALA A 310 -21.32 9.08 13.36
CA ALA A 310 -21.52 9.18 14.81
C ALA A 310 -20.82 8.02 15.55
N VAL A 311 -21.00 6.79 15.05
CA VAL A 311 -20.39 5.63 15.69
C VAL A 311 -18.86 5.72 15.63
N THR A 312 -18.35 6.17 14.48
CA THR A 312 -16.91 6.30 14.32
C THR A 312 -16.32 7.26 15.35
N ARG A 313 -16.98 8.39 15.54
CA ARG A 313 -16.56 9.32 16.58
C ARG A 313 -16.52 8.64 17.95
N GLN A 314 -17.60 7.94 18.29
CA GLN A 314 -17.72 7.44 19.65
C GLN A 314 -16.79 6.27 19.91
N VAL A 315 -16.66 5.37 18.94
CA VAL A 315 -15.92 4.15 19.24
C VAL A 315 -14.44 4.48 19.43
N ARG A 316 -13.97 5.57 18.82
CA ARG A 316 -12.61 6.03 19.11
C ARG A 316 -12.47 6.44 20.56
N ARG A 317 -13.45 7.18 21.10
CA ARG A 317 -13.40 7.55 22.51
C ARG A 317 -13.42 6.33 23.43
N GLN A 318 -14.11 5.27 23.01
CA GLN A 318 -14.21 4.06 23.83
C GLN A 318 -12.88 3.33 23.99
N LYS A 319 -11.82 3.79 23.30
CA LYS A 319 -10.51 3.16 23.46
C LYS A 319 -10.06 3.16 24.93
N ALA A 320 -10.53 4.13 25.72
CA ALA A 320 -10.14 4.20 27.12
C ALA A 320 -10.74 3.08 27.95
N GLU A 321 -11.76 2.38 27.45
CA GLU A 321 -12.31 1.24 28.18
C GLU A 321 -11.60 -0.08 27.89
N LEU A 322 -10.74 -0.14 26.89
CA LEU A 322 -10.27 -1.46 26.53
C LEU A 322 -9.17 -1.92 27.49
N PRO A 323 -9.12 -3.20 27.84
CA PRO A 323 -8.05 -3.71 28.69
C PRO A 323 -6.78 -3.84 27.85
N GLN A 324 -5.69 -4.25 28.52
CA GLN A 324 -4.41 -4.28 27.82
C GLN A 324 -4.38 -5.29 26.66
N ASP A 325 -5.24 -6.30 26.68
CA ASP A 325 -5.16 -7.26 25.58
C ASP A 325 -5.84 -6.79 24.30
N ALA A 326 -6.48 -5.62 24.27
CA ALA A 326 -7.16 -5.19 23.04
C ALA A 326 -6.87 -3.72 22.78
N SER A 327 -6.83 -3.37 21.50
CA SER A 327 -6.59 -1.99 21.11
C SER A 327 -7.24 -1.73 19.78
N SER A 328 -7.39 -0.43 19.46
CA SER A 328 -7.86 0.02 18.14
C SER A 328 -9.23 -0.57 17.78
N LEU A 329 -10.18 -0.46 18.71
CA LEU A 329 -11.54 -0.88 18.40
C LEU A 329 -12.11 0.04 17.32
N VAL A 330 -12.48 -0.55 16.17
CA VAL A 330 -13.09 0.19 15.07
C VAL A 330 -14.40 -0.48 14.66
N VAL A 331 -15.26 0.30 14.01
CA VAL A 331 -16.52 -0.19 13.45
C VAL A 331 -16.44 -0.01 11.94
N ARG A 332 -16.76 -1.07 11.20
CA ARG A 332 -16.71 -1.05 9.74
C ARG A 332 -17.98 -1.64 9.17
N LYS A 333 -18.47 -1.03 8.09
CA LYS A 333 -19.63 -1.52 7.37
C LYS A 333 -19.21 -1.83 5.95
N SER A 334 -19.56 -3.02 5.45
CA SER A 334 -19.20 -3.40 4.10
C SER A 334 -20.35 -4.14 3.42
N ASP A 335 -20.42 -4.01 2.10
CA ASP A 335 -21.37 -4.78 1.30
C ASP A 335 -20.88 -6.22 1.15
N ILE A 336 -21.80 -7.18 1.28
CA ILE A 336 -21.45 -8.60 1.13
C ILE A 336 -22.44 -9.32 0.24
N GLY A 337 -23.22 -8.56 -0.51
CA GLY A 337 -24.06 -9.08 -1.56
C GLY A 337 -24.63 -7.88 -2.29
N LYS A 338 -25.67 -8.12 -3.09
CA LYS A 338 -26.35 -6.96 -3.69
C LYS A 338 -27.10 -6.15 -2.64
N THR A 339 -27.76 -6.82 -1.69
CA THR A 339 -28.51 -6.10 -0.67
C THR A 339 -27.96 -6.29 0.74
N THR A 340 -27.14 -7.30 0.99
CA THR A 340 -26.68 -7.58 2.35
C THR A 340 -25.48 -6.73 2.71
N ALA A 341 -25.43 -6.26 3.95
CA ALA A 341 -24.28 -5.57 4.50
C ALA A 341 -23.81 -6.29 5.75
N ALA A 342 -22.56 -6.04 6.10
CA ALA A 342 -21.98 -6.55 7.34
C ALA A 342 -21.53 -5.34 8.13
N LEU A 343 -21.93 -5.28 9.40
CA LEU A 343 -21.48 -4.28 10.35
C LEU A 343 -20.63 -4.98 11.38
N GLY A 344 -19.34 -4.63 11.43
CA GLY A 344 -18.39 -5.29 12.32
C GLY A 344 -17.70 -4.37 13.30
N PHE A 345 -17.45 -4.89 14.51
CA PHE A 345 -16.58 -4.30 15.51
C PHE A 345 -15.28 -5.08 15.49
N PHE A 346 -14.15 -4.41 15.27
CA PHE A 346 -12.86 -5.07 15.12
C PHE A 346 -11.86 -4.47 16.10
N ALA A 347 -11.00 -5.30 16.68
CA ALA A 347 -9.97 -4.80 17.60
C ALA A 347 -8.73 -5.66 17.46
N ASN A 348 -7.55 -5.03 17.52
CA ASN A 348 -6.32 -5.81 17.60
C ASN A 348 -6.17 -6.45 18.99
N VAL A 349 -5.49 -7.59 19.01
CA VAL A 349 -5.34 -8.45 20.18
C VAL A 349 -3.87 -8.66 20.48
N MET A 350 -3.48 -8.51 21.74
CA MET A 350 -2.20 -8.97 22.24
C MET A 350 -2.17 -10.49 22.16
N PRO A 351 -1.26 -11.09 21.39
CA PRO A 351 -1.29 -12.54 21.19
C PRO A 351 -1.40 -13.32 22.51
N GLY A 352 -2.33 -14.27 22.54
CA GLY A 352 -2.70 -14.97 23.74
C GLY A 352 -3.86 -14.37 24.51
N GLY A 353 -4.31 -13.17 24.15
CA GLY A 353 -5.35 -12.49 24.90
C GLY A 353 -6.69 -12.46 24.20
N HIS A 354 -6.94 -13.40 23.28
CA HIS A 354 -8.14 -13.35 22.44
C HIS A 354 -9.42 -13.46 23.28
N ASP A 355 -9.41 -14.25 24.37
CA ASP A 355 -10.60 -14.37 25.20
C ASP A 355 -10.94 -13.03 25.86
N ALA A 356 -9.94 -12.38 26.45
CA ALA A 356 -10.24 -11.10 27.08
C ALA A 356 -10.64 -10.06 26.05
N ALA A 357 -10.10 -10.16 24.83
CA ALA A 357 -10.38 -9.15 23.81
C ALA A 357 -11.80 -9.28 23.28
N ILE A 358 -12.25 -10.51 23.00
CA ILE A 358 -13.62 -10.65 22.52
C ILE A 358 -14.62 -10.21 23.60
N SER A 359 -14.33 -10.52 24.86
CA SER A 359 -15.18 -10.00 25.93
C SER A 359 -15.22 -8.48 25.92
N ALA A 360 -14.05 -7.82 25.75
CA ALA A 360 -14.07 -6.36 25.72
C ALA A 360 -14.86 -5.82 24.54
N VAL A 361 -14.75 -6.45 23.37
CA VAL A 361 -15.55 -6.03 22.22
C VAL A 361 -17.04 -6.18 22.55
N LEU A 362 -17.39 -7.32 23.12
CA LEU A 362 -18.79 -7.56 23.43
C LEU A 362 -19.30 -6.57 24.48
N LYS A 363 -18.44 -6.17 25.42
CA LYS A 363 -18.86 -5.20 26.43
C LYS A 363 -19.16 -3.84 25.79
N GLU A 364 -18.31 -3.43 24.86
CA GLU A 364 -18.49 -2.15 24.19
C GLU A 364 -19.74 -2.16 23.31
N ILE A 365 -20.03 -3.30 22.66
CA ILE A 365 -21.27 -3.44 21.89
C ILE A 365 -22.49 -3.29 22.80
N GLU A 366 -22.45 -3.96 23.95
CA GLU A 366 -23.56 -3.87 24.88
C GLU A 366 -23.73 -2.44 25.38
N ARG A 367 -22.62 -1.73 25.55
CA ARG A 367 -22.73 -0.34 25.97
C ARG A 367 -23.45 0.49 24.91
N PHE A 368 -23.27 0.16 23.63
CA PHE A 368 -23.96 0.87 22.57
C PHE A 368 -25.44 0.53 22.53
N LYS A 369 -25.81 -0.68 22.97
CA LYS A 369 -27.24 -0.99 23.05
C LYS A 369 -27.91 -0.27 24.21
N ARG A 370 -27.17 0.01 25.29
CA ARG A 370 -27.71 0.64 26.50
C ARG A 370 -27.92 2.14 26.35
N TYR A 371 -27.02 2.82 25.63
CA TYR A 371 -26.98 4.27 25.71
C TYR A 371 -27.17 4.88 24.33
N PRO A 372 -27.93 5.98 24.22
CA PRO A 372 -28.09 6.63 22.92
C PRO A 372 -26.77 7.27 22.48
N LEU A 373 -26.66 7.46 21.18
CA LEU A 373 -25.51 8.17 20.62
C LEU A 373 -25.53 9.62 21.07
N ASN A 374 -24.34 10.21 21.18
CA ASN A 374 -24.12 11.59 21.63
C ASN A 374 -24.91 12.57 20.76
N GLU A 375 -25.79 13.34 21.40
CA GLU A 375 -26.64 14.26 20.65
C GLU A 375 -25.84 15.40 20.04
N GLN A 376 -24.78 15.85 20.71
CA GLN A 376 -23.93 16.90 20.13
C GLN A 376 -23.27 16.42 18.84
N ASP A 377 -22.72 15.21 18.84
CA ASP A 377 -22.17 14.65 17.60
C ASP A 377 -23.21 14.65 16.49
N ILE A 378 -24.41 14.15 16.77
CA ILE A 378 -25.41 14.05 15.70
C ILE A 378 -25.74 15.43 15.16
N THR A 379 -25.94 16.40 16.05
CA THR A 379 -26.16 17.78 15.61
C THR A 379 -24.99 18.28 14.75
N GLU A 380 -23.76 18.07 15.21
CA GLU A 380 -22.61 18.54 14.45
C GLU A 380 -22.51 17.84 13.10
N ILE A 381 -22.75 16.53 13.06
CA ILE A 381 -22.60 15.78 11.83
C ILE A 381 -23.65 16.21 10.80
N THR A 382 -24.89 16.33 11.25
CA THR A 382 -25.96 16.70 10.32
C THR A 382 -25.78 18.14 9.83
N SER A 383 -25.30 19.03 10.70
CA SER A 383 -25.03 20.41 10.29
C SER A 383 -23.93 20.46 9.23
N ASP A 384 -22.85 19.69 9.41
CA ASP A 384 -21.82 19.60 8.38
C ASP A 384 -22.40 19.13 7.05
N ILE A 385 -23.28 18.13 7.08
CA ILE A 385 -23.88 17.62 5.85
C ILE A 385 -24.78 18.66 5.22
N ARG A 386 -25.55 19.38 6.03
CA ARG A 386 -26.44 20.40 5.49
C ARG A 386 -25.64 21.51 4.79
N GLU A 387 -24.49 21.88 5.35
CA GLU A 387 -23.67 22.92 4.73
C GLU A 387 -23.21 22.48 3.34
N VAL A 388 -22.64 21.27 3.24
CA VAL A 388 -22.22 20.75 1.94
C VAL A 388 -23.42 20.62 1.00
N ALA A 389 -24.53 20.07 1.51
CA ALA A 389 -25.71 19.88 0.65
C ALA A 389 -26.26 21.22 0.16
N GLN A 390 -26.19 22.24 1.01
CA GLN A 390 -26.63 23.58 0.61
C GLN A 390 -25.76 24.10 -0.55
N ARG A 391 -24.44 24.05 -0.38
CA ARG A 391 -23.52 24.47 -1.43
C ARG A 391 -23.72 23.67 -2.71
N MET A 392 -23.93 22.35 -2.59
CA MET A 392 -24.16 21.53 -3.79
C MET A 392 -25.39 22.00 -4.55
N SER A 393 -26.44 22.39 -3.82
CA SER A 393 -27.75 22.67 -4.42
C SER A 393 -27.77 23.94 -5.25
N VAL A 394 -26.81 24.85 -5.06
CA VAL A 394 -26.75 26.10 -5.80
C VAL A 394 -25.52 26.20 -6.68
N THR A 395 -24.71 25.15 -6.79
CA THR A 395 -23.50 25.21 -7.58
C THR A 395 -23.68 24.39 -8.84
N PRO A 396 -23.55 25.00 -10.01
CA PRO A 396 -23.60 24.24 -11.26
C PRO A 396 -22.50 23.20 -11.27
N GLU A 397 -22.90 21.95 -11.52
CA GLU A 397 -21.94 20.85 -11.53
C GLU A 397 -21.08 20.93 -12.80
N THR A 398 -19.76 21.04 -12.63
CA THR A 398 -18.81 20.95 -13.73
C THR A 398 -17.67 20.07 -13.29
N ARG A 399 -17.16 19.24 -14.22
CA ARG A 399 -16.09 18.30 -13.92
C ARG A 399 -15.11 18.17 -15.08
N GLU A 400 -13.89 17.78 -14.75
CA GLU A 400 -12.96 17.31 -15.75
C GLU A 400 -13.43 15.99 -16.34
N PHE A 401 -12.87 15.66 -17.51
CA PHE A 401 -13.32 14.49 -18.26
C PHE A 401 -13.20 13.22 -17.42
N ALA A 402 -12.00 12.97 -16.88
CA ALA A 402 -11.76 11.75 -16.13
C ALA A 402 -12.65 11.68 -14.90
N ASP A 403 -13.06 12.83 -14.36
CA ASP A 403 -13.96 12.83 -13.22
C ASP A 403 -15.37 12.45 -13.66
N TRP A 404 -15.84 13.00 -14.78
CA TRP A 404 -17.11 12.55 -15.34
C TRP A 404 -17.10 11.05 -15.54
N VAL A 405 -16.03 10.51 -16.12
CA VAL A 405 -15.99 9.07 -16.35
C VAL A 405 -16.11 8.32 -15.04
N GLN A 406 -15.39 8.76 -14.00
CA GLN A 406 -15.45 8.08 -12.70
C GLN A 406 -16.84 8.15 -12.10
N GLN A 407 -17.41 9.36 -12.03
CA GLN A 407 -18.73 9.53 -11.42
C GLN A 407 -19.80 8.74 -12.18
N LEU A 408 -19.78 8.80 -13.52
CA LEU A 408 -20.81 8.14 -14.30
C LEU A 408 -20.67 6.62 -14.27
N THR A 409 -19.43 6.12 -14.32
CA THR A 409 -19.22 4.67 -14.33
C THR A 409 -19.68 4.03 -13.02
N ILE A 410 -19.48 4.73 -11.89
CA ILE A 410 -19.90 4.17 -10.60
C ILE A 410 -21.39 3.87 -10.61
N VAL A 411 -22.19 4.86 -11.01
CA VAL A 411 -23.64 4.68 -11.02
C VAL A 411 -24.05 3.69 -12.10
N TRP A 412 -23.39 3.73 -13.26
CA TRP A 412 -23.74 2.83 -14.36
C TRP A 412 -23.44 1.37 -14.01
N GLN A 413 -22.35 1.11 -13.28
CA GLN A 413 -22.07 -0.25 -12.82
C GLN A 413 -23.16 -0.77 -11.90
N GLN A 414 -23.76 0.10 -11.09
CA GLN A 414 -24.91 -0.25 -10.25
C GLN A 414 -26.20 -0.33 -11.04
N ASP A 415 -26.17 -0.05 -12.34
CA ASP A 415 -27.36 -0.05 -13.19
C ASP A 415 -28.42 0.93 -12.67
N ARG A 416 -27.97 2.15 -12.33
CA ARG A 416 -28.83 3.23 -11.87
C ARG A 416 -28.56 4.51 -12.66
N PRO A 417 -29.55 5.41 -12.76
CA PRO A 417 -29.30 6.67 -13.45
C PRO A 417 -28.42 7.59 -12.62
N TYR A 418 -27.71 8.47 -13.31
CA TYR A 418 -26.98 9.50 -12.61
C TYR A 418 -27.94 10.59 -12.13
N VAL A 419 -27.77 11.00 -10.88
CA VAL A 419 -28.45 12.17 -10.34
C VAL A 419 -27.37 13.22 -10.07
N GLY A 420 -27.52 14.40 -10.67
CA GLY A 420 -26.47 15.40 -10.53
C GLY A 420 -26.30 15.91 -9.11
N SER A 421 -25.12 16.49 -8.86
CA SER A 421 -24.80 16.97 -7.52
C SER A 421 -25.73 18.10 -7.08
N GLN A 422 -26.23 18.90 -8.02
CA GLN A 422 -27.19 19.95 -7.67
C GLN A 422 -28.50 19.35 -7.16
N GLN A 423 -29.07 18.42 -7.91
CA GLN A 423 -30.27 17.71 -7.46
C GLN A 423 -30.03 16.92 -6.17
N ARG A 424 -28.85 16.31 -6.03
N ARG A 424 -28.85 16.30 -6.02
CA ARG A 424 -28.56 15.54 -4.82
CA ARG A 424 -28.59 15.54 -4.81
C ARG A 424 -28.46 16.44 -3.60
C ARG A 424 -28.48 16.45 -3.60
N GLY A 425 -27.92 17.64 -3.78
CA GLY A 425 -27.87 18.59 -2.68
C GLY A 425 -29.26 18.95 -2.19
N LYS A 426 -30.20 19.18 -3.10
CA LYS A 426 -31.58 19.42 -2.71
C LYS A 426 -32.17 18.18 -2.05
N ASP A 427 -31.92 17.00 -2.62
CA ASP A 427 -32.46 15.78 -2.04
C ASP A 427 -31.99 15.61 -0.60
N ALA A 428 -30.72 15.91 -0.34
CA ALA A 428 -30.18 15.78 1.01
C ALA A 428 -30.83 16.77 1.96
N LEU A 429 -30.95 18.04 1.55
CA LEU A 429 -31.61 19.03 2.39
C LEU A 429 -33.02 18.60 2.75
N GLU A 430 -33.75 18.02 1.78
CA GLU A 430 -35.11 17.54 2.06
C GLU A 430 -35.09 16.39 3.07
N ALA A 431 -34.23 15.39 2.84
CA ALA A 431 -34.15 14.25 3.75
C ALA A 431 -33.68 14.68 5.13
N LEU A 432 -32.72 15.60 5.21
CA LEU A 432 -32.25 16.09 6.50
C LEU A 432 -33.39 16.71 7.31
N ASP A 433 -34.35 17.35 6.64
CA ASP A 433 -35.46 17.95 7.36
C ASP A 433 -36.31 16.91 8.06
N THR A 434 -36.28 15.65 7.61
CA THR A 434 -37.08 14.60 8.23
C THR A 434 -36.23 13.65 9.07
N ILE A 435 -35.05 14.11 9.52
CA ILE A 435 -34.15 13.28 10.30
C ILE A 435 -33.88 13.97 11.63
N LYS A 436 -34.21 13.28 12.72
CA LYS A 436 -33.87 13.72 14.07
C LYS A 436 -32.93 12.70 14.70
N GLY A 437 -32.43 13.05 15.89
CA GLY A 437 -31.55 12.13 16.60
C GLY A 437 -32.21 10.79 16.88
N GLU A 438 -33.52 10.80 17.16
CA GLU A 438 -34.16 9.52 17.44
C GLU A 438 -34.16 8.63 16.20
N ASP A 439 -34.16 9.21 14.99
CA ASP A 439 -34.07 8.40 13.77
C ASP A 439 -32.70 7.75 13.64
N VAL A 440 -31.65 8.45 14.05
CA VAL A 440 -30.30 7.90 14.01
C VAL A 440 -30.17 6.76 15.00
N ASN A 441 -30.60 6.99 16.24
CA ASN A 441 -30.57 5.93 17.24
C ASN A 441 -31.34 4.70 16.77
N ARG A 442 -32.53 4.91 16.19
CA ARG A 442 -33.33 3.77 15.73
C ARG A 442 -32.62 3.02 14.60
N HIS A 443 -32.02 3.75 13.67
CA HIS A 443 -31.29 3.13 12.55
C HIS A 443 -30.14 2.26 13.07
N TRP A 444 -29.39 2.80 14.02
CA TRP A 444 -28.27 2.12 14.66
C TRP A 444 -28.71 0.86 15.40
N GLN A 445 -29.78 0.96 16.19
CA GLN A 445 -30.20 -0.18 17.01
C GLN A 445 -30.72 -1.33 16.15
N ARG A 446 -31.31 -1.03 14.99
CA ARG A 446 -31.69 -2.08 14.04
C ARG A 446 -30.51 -2.95 13.68
N TRP A 447 -29.37 -2.33 13.35
CA TRP A 447 -28.18 -3.11 12.98
C TRP A 447 -27.74 -3.99 14.13
N LEU A 448 -27.69 -3.41 15.35
CA LEU A 448 -27.29 -4.17 16.53
C LEU A 448 -28.30 -5.24 16.93
N ALA A 449 -29.52 -5.17 16.44
CA ALA A 449 -30.51 -6.20 16.70
C ALA A 449 -30.53 -7.31 15.62
N SER A 450 -29.63 -7.27 14.64
CA SER A 450 -29.63 -8.27 13.57
C SER A 450 -29.41 -9.65 14.17
N PRO A 451 -30.32 -10.60 13.94
CA PRO A 451 -30.11 -11.95 14.51
C PRO A 451 -28.97 -12.74 13.86
N ASP A 452 -28.51 -12.37 12.68
CA ASP A 452 -27.43 -13.10 12.04
C ASP A 452 -26.10 -12.47 12.46
N THR A 453 -25.31 -13.21 13.22
CA THR A 453 -24.10 -12.68 13.84
C THR A 453 -22.95 -13.67 13.67
N LEU A 454 -21.74 -13.15 13.89
CA LEU A 454 -20.51 -13.86 13.57
C LEU A 454 -19.39 -13.29 14.43
N ALA A 455 -18.67 -14.16 15.13
CA ALA A 455 -17.46 -13.79 15.86
C ALA A 455 -16.26 -14.37 15.14
N GLN A 456 -15.23 -13.56 14.93
CA GLN A 456 -14.02 -13.98 14.21
C GLN A 456 -12.77 -13.80 15.06
N PHE A 457 -11.84 -14.72 14.88
CA PHE A 457 -10.60 -14.73 15.62
C PHE A 457 -9.46 -14.95 14.63
N SER A 458 -8.48 -14.06 14.65
N SER A 458 -8.48 -14.06 14.64
CA SER A 458 -7.18 -14.30 14.04
CA SER A 458 -7.18 -14.35 14.04
C SER A 458 -6.16 -14.42 15.17
C SER A 458 -6.16 -14.42 15.16
N VAL A 459 -5.40 -15.51 15.19
CA VAL A 459 -4.44 -15.78 16.24
C VAL A 459 -3.12 -16.17 15.58
N PRO A 460 -2.03 -15.42 15.77
CA PRO A 460 -0.84 -15.61 14.93
C PRO A 460 0.02 -16.77 15.37
N GLY A 461 0.65 -17.40 14.37
CA GLY A 461 1.67 -18.40 14.64
C GLY A 461 1.15 -19.56 15.45
N ALA A 462 1.98 -20.03 16.38
CA ALA A 462 1.65 -21.19 17.19
C ALA A 462 0.95 -20.83 18.51
N THR A 463 0.48 -19.59 18.65
CA THR A 463 -0.19 -19.18 19.87
C THR A 463 -1.28 -20.19 20.22
N PRO A 464 -1.32 -20.73 21.44
CA PRO A 464 -2.33 -21.74 21.78
C PRO A 464 -3.74 -21.19 21.59
N PHE A 465 -4.59 -21.96 20.95
CA PHE A 465 -5.91 -21.45 20.62
C PHE A 465 -6.87 -22.61 20.40
N THR A 466 -8.04 -22.51 21.01
CA THR A 466 -9.15 -23.41 20.68
C THR A 466 -10.34 -22.54 20.31
N LEU A 467 -10.90 -22.79 19.14
CA LEU A 467 -12.02 -21.98 18.66
C LEU A 467 -13.17 -22.03 19.66
N PRO A 468 -13.61 -20.89 20.20
CA PRO A 468 -14.73 -20.93 21.15
C PRO A 468 -15.99 -21.45 20.50
N LYS A 469 -16.80 -22.16 21.29
CA LYS A 469 -18.11 -22.56 20.85
C LYS A 469 -19.05 -21.35 20.86
N PRO A 470 -20.11 -21.39 20.06
CA PRO A 470 -21.07 -20.28 20.11
C PRO A 470 -21.58 -20.02 21.53
N ASP A 471 -21.83 -21.09 22.30
CA ASP A 471 -22.31 -20.93 23.68
C ASP A 471 -21.35 -20.09 24.51
N ALA A 472 -20.04 -20.25 24.32
CA ALA A 472 -19.09 -19.46 25.10
C ALA A 472 -19.17 -17.99 24.74
N ILE A 473 -19.45 -17.67 23.48
CA ILE A 473 -19.61 -16.27 23.11
C ILE A 473 -20.92 -15.70 23.65
N SER A 474 -22.03 -16.46 23.51
CA SER A 474 -23.29 -15.95 24.02
C SER A 474 -23.26 -15.81 25.53
N LYS A 475 -22.40 -16.58 26.20
CA LYS A 475 -22.29 -16.45 27.64
C LYS A 475 -21.71 -15.09 28.00
N LEU A 476 -20.75 -14.60 27.21
CA LEU A 476 -20.23 -13.26 27.44
C LEU A 476 -21.28 -12.20 27.14
N GLN A 477 -22.02 -12.36 26.04
CA GLN A 477 -23.12 -11.44 25.75
C GLN A 477 -24.08 -11.32 26.92
N LYS A 478 -24.50 -12.46 27.49
CA LYS A 478 -25.41 -12.42 28.64
C LYS A 478 -24.78 -11.75 29.85
N GLN A 479 -23.50 -12.04 30.12
CA GLN A 479 -22.81 -11.37 31.22
C GLN A 479 -22.90 -9.85 31.09
N TRP A 480 -22.56 -9.32 29.92
CA TRP A 480 -22.58 -7.88 29.76
C TRP A 480 -23.99 -7.34 29.70
N ALA A 481 -24.93 -8.10 29.14
CA ALA A 481 -26.33 -7.70 29.20
C ALA A 481 -26.80 -7.50 30.65
N LEU A 482 -26.28 -8.28 31.58
CA LEU A 482 -26.71 -8.19 32.98
C LEU A 482 -25.91 -7.21 33.78
N ALA A 483 -24.76 -6.79 33.27
CA ALA A 483 -23.82 -6.00 34.04
C ALA A 483 -24.24 -4.53 34.05
N THR A 484 -23.69 -3.82 35.02
CA THR A 484 -23.82 -2.37 35.09
C THR A 484 -22.69 -1.76 34.28
N LEU A 485 -23.03 -0.89 33.32
CA LEU A 485 -22.08 -0.29 32.41
C LEU A 485 -22.09 1.23 32.56
N ALA A 486 -20.90 1.82 32.63
CA ALA A 486 -20.77 3.26 32.70
C ALA A 486 -21.21 3.90 31.37
N PRO A 487 -21.59 5.17 31.42
CA PRO A 487 -21.98 5.88 30.19
C PRO A 487 -20.86 5.88 29.16
N LEU A 488 -21.25 6.11 27.91
CA LEU A 488 -20.30 6.33 26.83
C LEU A 488 -19.32 7.45 27.20
N ARG A 489 -18.05 7.28 26.82
CA ARG A 489 -17.06 8.32 27.12
C ARG A 489 -17.38 9.60 26.37
N LEU A 490 -17.10 10.73 27.02
CA LEU A 490 -17.28 12.03 26.39
C LEU A 490 -16.00 12.44 25.65
N GLU A 491 -16.16 13.37 24.72
CA GLU A 491 -15.01 13.89 23.99
C GLU A 491 -14.10 14.66 24.95
N GLU A 492 -12.82 14.36 24.89
CA GLU A 492 -11.88 15.03 25.77
C GLU A 492 -11.35 16.29 25.09
N LYS A 493 -10.98 17.28 25.91
CA LYS A 493 -10.52 18.55 25.37
C LYS A 493 -9.29 18.34 24.49
N LYS A 494 -9.28 19.04 23.37
CA LYS A 494 -8.17 18.92 22.43
C LYS A 494 -6.91 19.55 23.03
N ILE A 495 -5.82 18.81 23.02
CA ILE A 495 -4.53 19.31 23.50
C ILE A 495 -3.93 20.21 22.43
N ILE A 496 -3.66 21.46 22.78
CA ILE A 496 -3.12 22.38 21.79
C ILE A 496 -1.65 22.66 22.11
N PRO A 497 -0.73 22.01 21.42
CA PRO A 497 0.67 22.04 21.86
C PRO A 497 1.38 23.33 21.49
N GLU A 498 2.36 23.68 22.32
CA GLU A 498 3.19 24.85 22.09
C GLU A 498 4.62 24.52 22.50
N LEU A 499 5.59 24.93 21.68
CA LEU A 499 6.99 24.74 22.05
C LEU A 499 7.36 25.67 23.20
N PRO A 500 8.30 25.26 24.06
CA PRO A 500 8.67 26.11 25.18
C PRO A 500 9.56 27.24 24.73
N SER A 501 9.57 28.29 25.54
CA SER A 501 10.57 29.33 25.42
C SER A 501 11.94 28.76 25.79
N VAL A 502 12.95 29.02 24.98
CA VAL A 502 14.31 28.58 25.25
C VAL A 502 15.16 29.83 25.39
N THR A 503 15.66 30.10 26.60
CA THR A 503 16.40 31.34 26.84
C THR A 503 17.87 31.09 27.09
N GLN A 504 18.26 29.88 27.50
CA GLN A 504 19.67 29.52 27.48
C GLN A 504 20.16 29.48 26.04
N SER A 505 21.29 30.12 25.80
CA SER A 505 21.97 30.06 24.50
C SER A 505 23.37 29.54 24.72
N GLY A 506 23.83 28.72 23.79
CA GLY A 506 25.21 28.33 23.71
C GLY A 506 25.91 29.28 22.76
N LYS A 507 27.04 28.82 22.24
CA LYS A 507 27.89 29.66 21.42
C LYS A 507 28.51 28.81 20.33
N ARG A 508 28.69 29.41 19.16
CA ARG A 508 29.58 28.85 18.18
C ARG A 508 30.99 29.18 18.62
N THR A 509 31.87 28.19 18.62
CA THR A 509 33.24 28.39 19.06
C THR A 509 34.27 28.37 17.95
N ALA A 510 33.89 27.98 16.73
CA ALA A 510 34.85 27.98 15.63
C ALA A 510 34.10 27.96 14.31
N VAL A 511 34.73 28.51 13.28
CA VAL A 511 34.22 28.52 11.91
C VAL A 511 35.33 28.07 10.99
N LYS A 512 35.01 27.12 10.12
CA LYS A 512 35.90 26.72 9.05
C LYS A 512 35.15 26.94 7.74
N THR A 513 35.78 27.62 6.79
CA THR A 513 35.10 28.03 5.56
C THR A 513 35.57 27.21 4.36
N PHE A 514 34.60 26.72 3.58
CA PHE A 514 34.82 26.07 2.29
C PHE A 514 34.10 26.90 1.22
N ALA A 515 34.62 28.09 0.95
CA ALA A 515 33.92 29.04 0.10
C ALA A 515 33.66 28.46 -1.28
N ALA A 516 34.60 27.69 -1.84
CA ALA A 516 34.41 27.10 -3.15
C ALA A 516 33.17 26.20 -3.20
N GLN A 517 32.76 25.61 -2.07
CA GLN A 517 31.55 24.79 -2.02
C GLN A 517 30.36 25.51 -1.41
N LYS A 518 30.53 26.79 -1.06
CA LYS A 518 29.49 27.55 -0.38
C LYS A 518 29.11 26.89 0.94
N VAL A 519 30.10 26.29 1.61
CA VAL A 519 29.88 25.61 2.88
C VAL A 519 30.66 26.32 3.98
N GLU A 520 30.03 26.44 5.16
CA GLU A 520 30.73 26.75 6.40
C GLU A 520 30.51 25.62 7.39
N GLN A 521 31.56 25.34 8.14
CA GLN A 521 31.52 24.33 9.21
C GLN A 521 31.66 25.03 10.55
N TRP A 522 30.67 24.86 11.44
CA TRP A 522 30.66 25.56 12.71
C TRP A 522 30.76 24.56 13.86
N GLN A 523 31.72 24.78 14.75
CA GLN A 523 31.78 24.06 16.01
C GLN A 523 30.94 24.79 17.06
N LEU A 524 30.12 24.03 17.81
CA LEU A 524 29.29 24.58 18.87
C LEU A 524 29.80 24.16 20.25
N SER A 525 29.43 24.97 21.25
CA SER A 525 29.92 24.81 22.63
C SER A 525 29.53 23.49 23.27
N ASN A 526 28.46 22.83 22.82
CA ASN A 526 28.10 21.53 23.40
C ASN A 526 28.79 20.36 22.72
N GLY A 527 29.66 20.61 21.74
CA GLY A 527 30.29 19.54 20.99
C GLY A 527 29.64 19.21 19.66
N ASP A 528 28.47 19.76 19.38
CA ASP A 528 27.87 19.52 18.07
C ASP A 528 28.59 20.36 17.01
N ARG A 529 28.33 20.05 15.75
CA ARG A 529 28.85 20.89 14.70
C ARG A 529 27.79 21.08 13.62
N VAL A 530 27.86 22.21 12.93
CA VAL A 530 26.98 22.55 11.82
C VAL A 530 27.81 22.48 10.54
N VAL A 531 27.28 21.80 9.54
CA VAL A 531 27.83 21.84 8.19
C VAL A 531 26.78 22.56 7.36
N TRP A 532 26.97 23.84 7.12
CA TRP A 532 25.91 24.64 6.50
C TRP A 532 26.26 24.93 5.06
N LEU A 533 25.37 24.52 4.14
CA LEU A 533 25.51 24.75 2.71
C LEU A 533 24.51 25.83 2.32
N ARG A 534 25.00 26.95 1.79
CA ARG A 534 24.09 28.01 1.38
C ARG A 534 23.75 27.77 -0.09
N ALA A 535 22.83 26.85 -0.33
CA ALA A 535 22.51 26.48 -1.72
C ALA A 535 21.29 27.24 -2.17
N PRO A 536 21.36 28.01 -3.27
CA PRO A 536 20.14 28.65 -3.80
C PRO A 536 19.04 27.66 -4.14
N GLU A 537 19.37 26.40 -4.41
CA GLU A 537 18.36 25.39 -4.71
C GLU A 537 17.45 25.12 -3.52
N ALA A 538 17.81 25.60 -2.33
CA ALA A 538 16.95 25.47 -1.17
C ALA A 538 15.72 26.38 -1.23
N GLY A 539 15.74 27.40 -2.08
CA GLY A 539 14.56 28.26 -2.22
C GLY A 539 14.23 28.94 -0.91
N LYS A 540 12.96 28.89 -0.49
CA LYS A 540 12.58 29.46 0.79
C LYS A 540 12.39 28.40 1.87
N LYS A 541 13.05 27.27 1.74
CA LYS A 541 12.94 26.20 2.74
C LYS A 541 14.31 25.94 3.35
N VAL A 542 14.29 25.40 4.56
N VAL A 542 14.29 25.41 4.57
CA VAL A 542 15.48 24.92 5.25
CA VAL A 542 15.48 24.92 5.25
C VAL A 542 15.42 23.40 5.26
C VAL A 542 15.42 23.40 5.28
N TYR A 543 16.54 22.76 4.95
CA TYR A 543 16.64 21.31 4.97
C TYR A 543 17.64 20.90 6.04
N LEU A 544 17.19 20.09 6.98
CA LEU A 544 18.00 19.62 8.10
C LEU A 544 18.18 18.12 8.04
N THR A 545 19.43 17.67 8.20
CA THR A 545 19.78 16.28 8.46
C THR A 545 20.78 16.26 9.61
N ALA A 546 20.35 15.72 10.74
CA ALA A 546 21.15 15.66 11.95
C ALA A 546 21.61 14.22 12.14
N THR A 547 22.92 13.99 12.09
CA THR A 547 23.47 12.65 12.19
C THR A 547 24.37 12.53 13.41
N SER A 548 24.39 11.33 13.97
CA SER A 548 25.28 11.03 15.07
C SER A 548 25.49 9.53 15.09
N GLN A 549 26.42 9.08 15.95
CA GLN A 549 26.85 7.70 15.97
C GLN A 549 25.97 6.82 16.87
N ALA A 550 24.76 7.28 17.17
CA ALA A 550 23.83 6.61 18.10
C ALA A 550 22.91 5.60 17.42
N GLY A 551 23.49 4.69 16.63
CA GLY A 551 22.73 3.57 16.13
C GLY A 551 22.30 2.64 17.24
N PHE A 552 21.32 1.77 16.95
CA PHE A 552 20.78 0.90 18.00
C PHE A 552 21.73 -0.23 18.38
N MET A 553 22.84 -0.42 17.66
CA MET A 553 23.87 -1.36 18.06
C MET A 553 24.96 -0.72 18.92
N ALA A 554 24.82 0.58 19.25
CA ALA A 554 25.75 1.22 20.18
C ALA A 554 25.83 0.44 21.48
N THR A 555 27.02 0.41 22.07
CA THR A 555 27.28 -0.59 23.09
C THR A 555 26.47 -0.34 24.37
N ALA A 556 26.20 0.92 24.71
CA ALA A 556 25.46 1.20 25.94
C ALA A 556 23.98 0.81 25.86
N MET A 557 23.48 0.50 24.67
CA MET A 557 22.05 0.39 24.45
C MET A 557 21.58 -1.05 24.46
N ASN A 558 20.26 -1.21 24.43
CA ASN A 558 19.65 -2.50 24.24
C ASN A 558 19.00 -2.47 22.86
N PRO A 559 19.44 -3.31 21.92
CA PRO A 559 19.07 -3.07 20.51
C PRO A 559 17.57 -3.00 20.26
N TRP A 560 16.78 -3.97 20.73
CA TRP A 560 15.37 -3.92 20.38
C TRP A 560 14.68 -2.76 21.10
N GLN A 561 15.09 -2.47 22.35
CA GLN A 561 14.43 -1.42 23.10
C GLN A 561 14.73 -0.05 22.51
N ALA A 562 15.98 0.17 22.10
CA ALA A 562 16.37 1.41 21.42
C ALA A 562 15.52 1.63 20.17
N GLN A 563 15.37 0.61 19.34
CA GLN A 563 14.58 0.78 18.11
C GLN A 563 13.13 1.12 18.44
N LEU A 564 12.54 0.40 19.40
CA LEU A 564 11.17 0.72 19.85
C LEU A 564 11.07 2.15 20.40
N ALA A 565 12.03 2.56 21.23
CA ALA A 565 12.00 3.92 21.76
C ALA A 565 12.07 4.97 20.64
N SER A 566 13.01 4.82 19.70
CA SER A 566 13.15 5.73 18.57
C SER A 566 11.83 5.89 17.81
N GLN A 567 11.18 4.78 17.50
CA GLN A 567 9.90 4.83 16.80
C GLN A 567 8.81 5.47 17.64
N LEU A 568 8.80 5.22 18.95
CA LEU A 568 7.74 5.81 19.77
C LEU A 568 7.92 7.33 19.94
N VAL A 569 9.15 7.79 20.16
CA VAL A 569 9.39 9.23 20.23
C VAL A 569 9.02 9.87 18.90
N ASN A 570 9.39 9.22 17.80
CA ASN A 570 9.09 9.75 16.46
C ASN A 570 7.60 10.00 16.27
N GLN A 571 6.77 9.05 16.67
CA GLN A 571 5.32 9.18 16.51
C GLN A 571 4.67 10.02 17.60
N SER A 572 5.25 10.07 18.81
CA SER A 572 4.60 10.75 19.92
C SER A 572 4.94 12.23 20.01
N GLY A 573 6.15 12.64 19.61
CA GLY A 573 6.59 14.01 19.79
C GLY A 573 6.99 14.32 21.21
N PRO A 574 7.06 15.61 21.55
CA PRO A 574 7.53 16.02 22.89
C PRO A 574 6.65 15.46 24.00
N ALA A 575 7.24 15.39 25.19
CA ALA A 575 6.62 14.75 26.35
C ALA A 575 5.20 15.24 26.62
N THR A 576 4.95 16.53 26.41
CA THR A 576 3.67 17.13 26.80
C THR A 576 2.69 17.16 25.65
N TRP A 577 3.02 16.53 24.51
CA TRP A 577 2.14 16.55 23.34
C TRP A 577 1.44 15.22 23.21
N SER A 578 1.15 14.80 21.97
CA SER A 578 0.56 13.52 21.67
C SER A 578 0.80 13.24 20.20
N GLY A 579 0.67 11.97 19.81
CA GLY A 579 0.83 11.62 18.40
C GLY A 579 -0.01 12.47 17.47
N GLU A 580 -1.28 12.71 17.84
CA GLU A 580 -2.15 13.43 16.92
C GLU A 580 -1.95 14.93 17.01
N SER A 581 -1.68 15.49 18.20
CA SER A 581 -1.42 16.92 18.24
C SER A 581 -0.08 17.25 17.56
N LEU A 582 0.88 16.31 17.61
CA LEU A 582 2.14 16.47 16.87
C LEU A 582 1.88 16.55 15.37
N SER A 583 1.08 15.63 14.84
CA SER A 583 0.81 15.64 13.40
C SER A 583 0.07 16.91 12.98
N ASN A 584 -0.89 17.36 13.79
CA ASN A 584 -1.59 18.61 13.47
C ASN A 584 -0.65 19.80 13.51
N TRP A 585 0.22 19.87 14.53
CA TRP A 585 1.13 21.01 14.66
C TRP A 585 2.10 21.10 13.49
N LYS A 586 2.61 19.96 13.00
CA LYS A 586 3.53 19.99 11.87
C LYS A 586 2.83 20.46 10.61
N LYS A 587 1.64 19.92 10.36
CA LYS A 587 0.84 20.32 9.21
C LYS A 587 0.63 21.82 9.18
N GLU A 588 0.26 22.40 10.31
CA GLU A 588 -0.01 23.83 10.39
C GLU A 588 1.22 24.64 10.01
N LYS A 589 2.42 24.16 10.33
CA LYS A 589 3.63 24.90 10.00
C LYS A 589 4.28 24.44 8.71
N THR A 590 3.64 23.54 7.98
CA THR A 590 4.20 22.95 6.77
C THR A 590 5.62 22.45 7.02
N LEU A 591 5.75 21.66 8.08
CA LEU A 591 7.04 21.28 8.62
C LEU A 591 7.07 19.77 8.76
N SER A 592 8.25 19.17 8.55
CA SER A 592 8.41 17.74 8.81
C SER A 592 9.64 17.53 9.65
N LEU A 593 9.63 16.51 10.49
CA LEU A 593 10.86 16.12 11.16
C LEU A 593 10.70 14.67 11.58
N SER A 594 11.66 13.85 11.19
CA SER A 594 11.52 12.41 11.31
C SER A 594 12.80 11.80 11.89
N ILE A 595 12.61 10.85 12.80
CA ILE A 595 13.70 10.09 13.43
C ILE A 595 13.87 8.79 12.67
N ASP A 596 15.11 8.48 12.29
CA ASP A 596 15.42 7.15 11.78
C ASP A 596 16.68 6.62 12.45
N GLN A 597 16.54 5.66 13.35
CA GLN A 597 17.69 5.08 14.03
C GLN A 597 18.06 3.79 13.31
N GLU A 598 19.23 3.78 12.65
CA GLU A 598 19.72 2.55 12.02
C GLU A 598 20.68 1.84 12.98
N ALA A 599 21.24 0.71 12.53
CA ALA A 599 22.12 -0.06 13.39
C ALA A 599 23.32 0.77 13.82
N ASP A 600 23.84 1.60 12.92
CA ASP A 600 25.11 2.27 13.14
C ASP A 600 25.00 3.77 13.35
N GLN A 601 23.88 4.39 13.01
CA GLN A 601 23.76 5.83 13.11
C GLN A 601 22.33 6.20 13.47
N LEU A 602 22.16 7.44 13.93
CA LEU A 602 20.87 8.04 14.15
C LEU A 602 20.75 9.24 13.20
N THR A 603 19.61 9.36 12.53
CA THR A 603 19.38 10.49 11.62
C THR A 603 18.04 11.13 11.93
N LEU A 604 18.04 12.43 12.18
CA LEU A 604 16.80 13.19 12.21
C LEU A 604 16.80 14.10 10.99
N SER A 605 15.72 14.02 10.21
CA SER A 605 15.63 14.71 8.93
C SER A 605 14.37 15.55 8.94
N GLY A 606 14.49 16.79 8.52
CA GLY A 606 13.31 17.63 8.46
C GLY A 606 13.45 18.76 7.47
N THR A 607 12.29 19.35 7.14
CA THR A 607 12.17 20.49 6.24
C THR A 607 11.13 21.44 6.82
N ALA A 608 11.37 22.73 6.67
CA ALA A 608 10.41 23.75 7.06
C ALA A 608 10.60 24.96 6.17
N PRO A 609 9.62 25.85 6.09
CA PRO A 609 9.90 27.17 5.53
C PRO A 609 10.90 27.89 6.43
N THR A 610 11.69 28.77 5.80
CA THR A 610 12.71 29.50 6.56
C THR A 610 12.09 30.33 7.66
N GLU A 611 10.86 30.81 7.47
CA GLU A 611 10.27 31.56 8.57
C GLU A 611 9.86 30.65 9.73
N GLN A 612 9.93 29.33 9.55
CA GLN A 612 9.62 28.39 10.61
C GLN A 612 10.87 27.78 11.24
N LEU A 613 12.02 28.41 11.01
CA LEU A 613 13.28 27.81 11.45
C LEU A 613 13.31 27.60 12.95
N ALA A 614 12.83 28.59 13.72
CA ALA A 614 12.79 28.40 15.18
C ALA A 614 11.86 27.25 15.58
N SER A 615 10.80 27.02 14.83
CA SER A 615 9.91 25.91 15.16
C SER A 615 10.53 24.57 14.78
N LEU A 616 11.31 24.53 13.68
CA LEU A 616 12.01 23.30 13.33
C LEU A 616 13.09 22.97 14.36
N PHE A 617 13.98 23.92 14.64
CA PHE A 617 15.02 23.68 15.66
C PHE A 617 14.38 23.45 17.03
N GLY A 618 13.27 24.15 17.31
CA GLY A 618 12.62 24.00 18.59
C GLY A 618 12.05 22.61 18.79
N LEU A 619 11.34 22.10 17.78
CA LEU A 619 10.87 20.71 17.86
C LEU A 619 12.05 19.76 17.98
N TYR A 620 13.08 19.97 17.15
CA TYR A 620 14.28 19.13 17.22
C TYR A 620 14.80 19.04 18.66
N ARG A 621 14.99 20.21 19.30
CA ARG A 621 15.48 20.24 20.67
C ARG A 621 14.55 19.50 21.62
N GLU A 622 13.24 19.69 21.49
CA GLU A 622 12.30 19.03 22.39
C GLU A 622 12.33 17.51 22.25
N LEU A 623 12.51 17.00 21.01
CA LEU A 623 12.64 15.55 20.86
C LEU A 623 13.88 15.04 21.59
N ASN A 624 14.93 15.87 21.67
CA ASN A 624 16.16 15.45 22.32
C ASN A 624 16.06 15.52 23.84
N VAL A 625 15.48 16.59 24.39
CA VAL A 625 15.55 16.77 25.84
C VAL A 625 14.23 16.41 26.53
N ALA A 626 13.13 16.40 25.79
CA ALA A 626 11.80 16.15 26.38
C ALA A 626 11.03 15.15 25.53
N PRO A 627 11.58 13.95 25.33
CA PRO A 627 10.90 12.98 24.46
C PRO A 627 9.58 12.52 25.08
N GLY A 628 8.59 12.27 24.24
CA GLY A 628 7.35 11.68 24.75
C GLY A 628 7.11 10.24 24.33
N ILE A 629 6.26 9.55 25.08
CA ILE A 629 5.72 8.23 24.73
C ILE A 629 4.21 8.35 24.87
N ASP A 630 3.52 8.40 23.76
CA ASP A 630 2.07 8.41 23.74
C ASP A 630 1.58 7.03 24.15
N PRO A 631 0.78 6.90 25.21
CA PRO A 631 0.38 5.56 25.66
C PRO A 631 -0.44 4.78 24.64
N ASP A 632 -1.27 5.45 23.84
CA ASP A 632 -2.00 4.74 22.77
C ASP A 632 -1.04 4.23 21.72
N VAL A 633 -0.06 5.05 21.35
CA VAL A 633 0.90 4.64 20.34
C VAL A 633 1.71 3.46 20.84
N MET A 634 2.16 3.53 22.09
CA MET A 634 2.95 2.44 22.67
C MET A 634 2.15 1.14 22.69
N LYS A 635 0.90 1.19 23.14
CA LYS A 635 0.08 -0.02 23.15
C LYS A 635 -0.03 -0.64 21.77
N GLU A 636 -0.27 0.19 20.74
CA GLU A 636 -0.34 -0.30 19.36
C GLU A 636 0.98 -0.89 18.90
N SER A 637 2.10 -0.21 19.20
CA SER A 637 3.41 -0.72 18.79
C SER A 637 3.71 -2.07 19.45
N MET A 638 3.31 -2.23 20.72
N MET A 638 3.31 -2.23 20.72
CA MET A 638 3.53 -3.52 21.37
CA MET A 638 3.50 -3.52 21.38
C MET A 638 2.72 -4.64 20.70
C MET A 638 2.72 -4.62 20.68
N MET A 639 1.47 -4.34 20.31
CA MET A 639 0.66 -5.33 19.59
C MET A 639 1.35 -5.76 18.30
N SER A 640 1.90 -4.76 17.59
CA SER A 640 2.53 -5.03 16.32
C SER A 640 3.77 -5.90 16.49
N LEU A 641 4.63 -5.55 17.46
CA LEU A 641 5.82 -6.36 17.71
C LEU A 641 5.44 -7.77 18.14
N ALA A 642 4.44 -7.90 19.01
CA ALA A 642 4.12 -9.21 19.56
C ALA A 642 3.56 -10.14 18.48
N ARG A 643 2.63 -9.65 17.66
CA ARG A 643 2.05 -10.52 16.65
C ARG A 643 3.10 -10.88 15.59
N GLN A 644 4.01 -9.96 15.25
CA GLN A 644 5.05 -10.30 14.31
C GLN A 644 6.03 -11.29 14.90
N LYS A 645 6.37 -11.13 16.19
CA LYS A 645 7.18 -12.15 16.85
C LYS A 645 6.51 -13.53 16.79
N ALA A 646 5.20 -13.59 17.08
CA ALA A 646 4.49 -14.87 17.07
C ALA A 646 4.50 -15.50 15.69
N ASN A 647 4.29 -14.68 14.65
CA ASN A 647 4.34 -15.19 13.27
C ASN A 647 5.77 -15.57 12.89
N ASP A 648 6.73 -14.66 13.09
CA ASP A 648 8.10 -14.91 12.67
C ASP A 648 8.68 -16.16 13.32
N ASP A 649 8.20 -16.53 14.51
CA ASP A 649 8.76 -17.72 15.16
C ASP A 649 8.45 -19.00 14.40
N GLN A 650 7.45 -19.00 13.53
CA GLN A 650 7.09 -20.25 12.87
C GLN A 650 6.82 -20.06 11.38
N SER A 651 7.05 -18.88 10.82
CA SER A 651 6.70 -18.62 9.42
C SER A 651 7.84 -19.02 8.49
N VAL A 652 7.50 -19.07 7.19
CA VAL A 652 8.52 -19.28 6.17
C VAL A 652 9.50 -18.14 6.18
N GLY A 653 8.98 -16.91 6.22
CA GLY A 653 9.85 -15.74 6.23
C GLY A 653 10.78 -15.70 7.42
N GLY A 654 10.29 -16.08 8.60
CA GLY A 654 11.15 -16.14 9.76
C GLY A 654 12.22 -17.20 9.63
N LYS A 655 11.87 -18.33 9.03
CA LYS A 655 12.85 -19.40 8.83
C LYS A 655 13.92 -18.96 7.84
N ARG A 656 13.52 -18.32 6.74
CA ARG A 656 14.50 -17.86 5.76
C ARG A 656 15.43 -16.81 6.35
N ALA A 657 14.87 -15.83 7.08
CA ALA A 657 15.72 -14.81 7.70
C ALA A 657 16.77 -15.44 8.60
N SER A 658 16.36 -16.43 9.39
CA SER A 658 17.29 -17.09 10.31
C SER A 658 18.36 -17.87 9.54
N GLU A 659 17.99 -18.53 8.44
CA GLU A 659 19.00 -19.28 7.70
C GLU A 659 19.93 -18.35 6.92
N MET A 660 19.39 -17.29 6.35
CA MET A 660 20.25 -16.30 5.70
C MET A 660 21.21 -15.68 6.69
N THR A 661 20.73 -15.36 7.88
CA THR A 661 21.60 -14.81 8.91
C THR A 661 22.73 -15.76 9.25
N LYS A 662 22.42 -17.03 9.46
CA LYS A 662 23.48 -17.98 9.77
C LYS A 662 24.46 -18.16 8.59
N LEU A 663 23.97 -18.08 7.34
CA LEU A 663 24.84 -18.24 6.17
C LEU A 663 25.78 -17.04 6.02
N ARG A 664 25.26 -15.83 6.16
CA ARG A 664 26.02 -14.62 5.85
C ARG A 664 26.76 -14.05 7.06
N PHE A 665 26.21 -14.18 8.26
CA PHE A 665 26.82 -13.55 9.42
C PHE A 665 27.14 -14.49 10.57
N GLY A 666 26.73 -15.75 10.51
CA GLY A 666 27.03 -16.65 11.62
C GLY A 666 25.95 -16.59 12.70
N GLU A 667 25.70 -15.42 13.28
CA GLU A 667 24.72 -15.21 14.33
C GLU A 667 24.00 -13.89 14.08
N PRO A 668 22.78 -13.72 14.58
CA PRO A 668 22.11 -12.41 14.49
C PRO A 668 22.84 -11.39 15.34
N ALA A 669 22.83 -10.14 14.86
CA ALA A 669 23.38 -9.03 15.63
C ALA A 669 22.55 -8.74 16.88
N TRP A 670 21.25 -8.98 16.81
CA TRP A 670 20.28 -8.66 17.86
C TRP A 670 19.01 -9.40 17.48
N GLN A 671 18.07 -9.48 18.42
CA GLN A 671 16.80 -10.11 18.11
C GLN A 671 15.68 -9.43 18.88
N GLN A 672 14.48 -9.48 18.31
CA GLN A 672 13.31 -8.99 19.03
C GLN A 672 13.10 -9.84 20.27
N PRO A 673 12.46 -9.29 21.30
CA PRO A 673 12.27 -10.04 22.55
C PRO A 673 11.20 -11.12 22.40
N GLU A 674 11.18 -12.03 23.38
CA GLU A 674 10.02 -12.87 23.60
C GLU A 674 8.81 -12.03 24.02
N ILE A 675 7.60 -12.56 23.79
CA ILE A 675 6.41 -11.76 24.02
C ILE A 675 6.25 -11.41 25.49
N ALA A 676 6.62 -12.32 26.39
CA ALA A 676 6.47 -12.04 27.81
C ALA A 676 7.39 -10.90 28.25
N GLU A 677 8.60 -10.83 27.70
CA GLU A 677 9.47 -9.69 27.99
C GLU A 677 8.92 -8.42 27.35
N LEU A 678 8.44 -8.53 26.11
CA LEU A 678 7.82 -7.40 25.44
C LEU A 678 6.71 -6.77 26.27
N LYS A 679 5.86 -7.58 26.88
CA LYS A 679 4.75 -7.07 27.66
C LYS A 679 5.19 -6.25 28.87
N LYS A 680 6.41 -6.47 29.37
CA LYS A 680 6.87 -5.80 30.57
C LYS A 680 7.46 -4.41 30.30
N ILE A 681 7.64 -4.03 29.04
CA ILE A 681 8.34 -2.79 28.71
C ILE A 681 7.57 -1.58 29.24
N SER A 682 8.30 -0.64 29.83
CA SER A 682 7.72 0.57 30.40
C SER A 682 8.26 1.80 29.67
N ALA A 683 7.48 2.89 29.73
CA ALA A 683 7.93 4.15 29.14
C ALA A 683 9.25 4.64 29.72
N PRO A 684 9.50 4.64 31.04
CA PRO A 684 10.82 5.10 31.53
C PRO A 684 12.00 4.30 31.01
N ALA A 685 11.83 2.97 30.86
CA ALA A 685 12.91 2.15 30.30
C ALA A 685 13.18 2.53 28.86
N LEU A 686 12.13 2.77 28.07
CA LEU A 686 12.31 3.18 26.67
C LEU A 686 12.92 4.57 26.59
N LEU A 687 12.50 5.50 27.46
CA LEU A 687 13.07 6.85 27.40
C LEU A 687 14.52 6.87 27.83
N SER A 688 14.90 5.99 28.76
CA SER A 688 16.32 5.81 29.08
C SER A 688 17.11 5.46 27.84
N GLN A 689 16.59 4.55 27.02
CA GLN A 689 17.29 4.17 25.79
C GLN A 689 17.39 5.35 24.84
N TRP A 690 16.29 6.08 24.68
CA TRP A 690 16.33 7.25 23.80
C TRP A 690 17.37 8.27 24.28
N HIS A 691 17.43 8.51 25.60
CA HIS A 691 18.40 9.51 26.06
C HIS A 691 19.83 9.05 25.82
N LYS A 692 20.07 7.74 25.80
CA LYS A 692 21.38 7.27 25.39
C LYS A 692 21.68 7.65 23.94
N ALA A 693 20.70 7.51 23.04
CA ALA A 693 20.93 7.91 21.66
C ALA A 693 21.06 9.43 21.53
N ALA A 694 20.22 10.18 22.25
CA ALA A 694 20.24 11.64 22.12
C ALA A 694 21.48 12.27 22.72
N SER A 695 22.27 11.55 23.52
CA SER A 695 23.48 12.14 24.07
C SER A 695 24.65 12.14 23.07
N ALA A 696 24.57 11.40 21.98
CA ALA A 696 25.69 11.34 21.03
C ALA A 696 25.83 12.67 20.30
N PRO A 697 27.05 13.19 20.14
CA PRO A 697 27.22 14.47 19.44
C PRO A 697 26.76 14.39 17.99
N VAL A 698 26.21 15.52 17.52
CA VAL A 698 25.48 15.60 16.26
C VAL A 698 26.24 16.51 15.29
N THR A 699 26.19 16.14 14.01
CA THR A 699 26.46 17.05 12.91
C THR A 699 25.14 17.41 12.26
N TYR A 700 24.83 18.70 12.26
CA TYR A 700 23.64 19.24 11.60
C TYR A 700 24.01 19.62 10.18
N TYR A 701 23.55 18.85 9.21
CA TYR A 701 23.70 19.21 7.80
C TYR A 701 22.53 20.13 7.46
N LEU A 702 22.82 21.42 7.30
CA LEU A 702 21.79 22.43 7.08
C LEU A 702 21.95 23.01 5.69
N ILE A 703 20.90 22.88 4.87
CA ILE A 703 20.86 23.53 3.56
C ILE A 703 19.82 24.64 3.63
N ALA A 704 20.27 25.88 3.52
CA ALA A 704 19.40 27.04 3.67
C ALA A 704 20.06 28.20 2.97
N ASP A 705 19.31 28.85 2.08
CA ASP A 705 19.82 30.05 1.42
C ASP A 705 19.39 31.26 2.24
N MET A 706 20.23 31.61 3.22
CA MET A 706 20.00 32.73 4.11
C MET A 706 21.36 33.20 4.61
N PRO A 707 21.45 34.41 5.17
CA PRO A 707 22.72 34.85 5.72
C PRO A 707 23.00 34.19 7.07
N ALA A 708 24.29 34.04 7.37
CA ALA A 708 24.68 33.50 8.66
C ALA A 708 24.08 34.29 9.82
N THR A 709 23.89 35.61 9.65
CA THR A 709 23.32 36.43 10.73
C THR A 709 21.90 36.00 11.06
N GLN A 710 21.18 35.43 10.10
CA GLN A 710 19.85 34.91 10.38
C GLN A 710 19.94 33.53 11.02
N LEU A 711 20.84 32.68 10.51
CA LEU A 711 20.91 31.28 10.95
C LEU A 711 21.56 31.15 12.33
N LEU A 712 22.69 31.82 12.54
CA LEU A 712 23.48 31.56 13.75
C LEU A 712 22.73 31.79 15.07
N PRO A 713 21.91 32.83 15.26
CA PRO A 713 21.21 32.98 16.54
C PRO A 713 20.29 31.81 16.83
N GLN A 714 19.60 31.27 15.81
CA GLN A 714 18.75 30.12 16.03
C GLN A 714 19.57 28.87 16.32
N VAL A 715 20.73 28.72 15.66
CA VAL A 715 21.61 27.60 15.99
C VAL A 715 22.06 27.70 17.44
N GLU A 716 22.54 28.87 17.86
CA GLU A 716 23.07 29.02 19.22
C GLU A 716 21.97 28.84 20.27
N ARG A 717 20.74 29.20 19.94
CA ARG A 717 19.68 29.09 20.93
C ARG A 717 19.17 27.67 21.08
N TYR A 718 18.93 26.96 19.97
CA TYR A 718 18.26 25.67 20.08
C TYR A 718 19.18 24.47 19.97
N LEU A 719 20.29 24.60 19.25
CA LEU A 719 21.09 23.44 18.94
C LEU A 719 22.36 23.34 19.76
N ALA A 720 22.95 24.47 20.12
CA ALA A 720 24.14 24.48 20.96
C ALA A 720 23.84 24.17 22.43
N THR A 721 22.58 24.07 22.81
CA THR A 721 22.19 23.99 24.23
C THR A 721 21.76 22.59 24.63
N ILE A 722 22.05 21.58 23.82
CA ILE A 722 21.57 20.23 24.07
C ILE A 722 22.73 19.45 24.71
N PRO A 723 22.50 18.80 25.85
CA PRO A 723 23.60 18.07 26.50
C PRO A 723 24.07 16.88 25.68
N ARG A 724 25.39 16.76 25.53
CA ARG A 724 25.98 15.66 24.78
C ARG A 724 27.14 15.07 25.58
N GLN A 725 27.55 13.87 25.18
CA GLN A 725 28.72 13.21 25.72
C GLN A 725 29.37 12.45 24.57
N PRO A 726 30.71 12.46 24.47
CA PRO A 726 31.38 11.72 23.39
C PRO A 726 30.83 10.32 23.25
N ALA A 727 30.69 9.89 22.00
CA ALA A 727 30.26 8.53 21.67
C ALA A 727 31.29 7.88 20.77
N SER A 728 31.38 6.55 20.85
CA SER A 728 32.25 5.78 19.95
C SER A 728 31.50 5.44 18.66
N GLU A 729 32.28 5.17 17.62
CA GLU A 729 31.70 4.73 16.36
C GLU A 729 31.18 3.31 16.50
N VAL A 730 30.04 3.04 15.88
CA VAL A 730 29.46 1.71 15.94
C VAL A 730 30.06 0.87 14.81
N LYS A 731 30.59 -0.30 15.16
CA LYS A 731 31.19 -1.20 14.18
C LYS A 731 30.16 -1.63 13.14
N GLN A 732 30.55 -1.65 11.87
CA GLN A 732 29.63 -2.07 10.82
C GLN A 732 29.27 -3.55 10.97
N HIS A 733 28.14 -3.92 10.37
CA HIS A 733 27.68 -5.31 10.30
C HIS A 733 28.21 -5.89 8.98
N LEU A 734 29.22 -6.77 9.06
CA LEU A 734 29.94 -7.21 7.86
C LEU A 734 29.74 -8.69 7.59
N ALA A 735 29.23 -9.00 6.39
CA ALA A 735 29.09 -10.39 5.98
C ALA A 735 30.44 -11.09 5.99
N LEU A 736 30.47 -12.34 6.44
CA LEU A 736 31.69 -13.11 6.52
C LEU A 736 32.17 -13.54 5.14
N SER A 737 33.48 -13.63 4.99
N SER A 737 33.48 -13.64 4.98
CA SER A 737 34.12 -14.16 3.78
CA SER A 737 34.07 -14.12 3.74
C SER A 737 33.80 -15.63 3.58
C SER A 737 33.86 -15.64 3.60
N GLY A 738 34.10 -16.12 2.39
CA GLY A 738 34.07 -17.56 2.12
C GLY A 738 32.84 -17.98 1.33
N LYS A 739 32.81 -19.29 1.07
CA LYS A 739 31.79 -19.93 0.25
C LYS A 739 30.92 -20.81 1.14
N ARG A 740 29.63 -20.52 1.18
CA ARG A 740 28.68 -21.29 1.95
C ARG A 740 27.38 -21.35 1.16
N GLU A 741 26.62 -22.42 1.37
CA GLU A 741 25.37 -22.58 0.65
C GLU A 741 24.40 -23.36 1.52
N ALA A 742 23.10 -23.17 1.27
CA ALA A 742 22.09 -24.01 1.87
C ALA A 742 20.87 -24.08 0.95
N THR A 743 20.13 -25.18 1.03
CA THR A 743 18.89 -25.38 0.29
C THR A 743 17.82 -25.80 1.27
N SER A 744 16.69 -25.10 1.24
CA SER A 744 15.60 -25.33 2.18
C SER A 744 14.30 -25.51 1.42
N ALA A 745 13.70 -26.69 1.55
CA ALA A 745 12.42 -27.00 0.92
C ALA A 745 11.32 -26.63 1.92
N ILE A 746 10.96 -25.35 1.92
CA ILE A 746 10.08 -24.82 2.96
C ILE A 746 9.02 -23.89 2.35
N ASN A 747 9.15 -23.57 1.06
CA ASN A 747 8.23 -22.60 0.48
C ASN A 747 6.82 -23.16 0.47
N VAL A 748 5.84 -22.29 0.74
CA VAL A 748 4.45 -22.71 0.68
C VAL A 748 3.82 -22.35 -0.66
N GLU A 749 4.42 -21.45 -1.42
CA GLU A 749 3.98 -21.30 -2.79
C GLU A 749 4.77 -22.24 -3.69
N PRO A 750 4.25 -22.54 -4.89
CA PRO A 750 5.00 -23.37 -5.85
C PRO A 750 6.02 -22.53 -6.63
N ARG A 751 7.10 -22.19 -5.94
CA ARG A 751 8.17 -21.42 -6.57
C ARG A 751 9.48 -21.72 -5.85
N ALA A 752 10.57 -21.44 -6.55
CA ALA A 752 11.91 -21.45 -5.98
C ALA A 752 12.42 -20.01 -5.90
N ASP A 753 13.11 -19.71 -4.81
CA ASP A 753 13.79 -18.43 -4.63
C ASP A 753 15.28 -18.72 -4.53
N ILE A 754 16.07 -18.11 -5.42
CA ILE A 754 17.51 -18.30 -5.47
C ILE A 754 18.16 -16.97 -5.12
N LEU A 755 19.00 -16.96 -4.09
CA LEU A 755 19.70 -15.76 -3.68
C LEU A 755 21.20 -16.04 -3.61
N THR A 756 22.01 -15.14 -4.18
CA THR A 756 23.46 -15.24 -4.09
C THR A 756 24.04 -13.90 -3.67
N TRP A 757 24.98 -13.92 -2.74
CA TRP A 757 25.67 -12.72 -2.30
C TRP A 757 27.16 -12.92 -2.52
N SER A 758 27.81 -11.87 -3.02
CA SER A 758 29.26 -11.87 -3.20
C SER A 758 29.79 -10.50 -2.87
N PHE A 759 31.00 -10.44 -2.32
CA PHE A 759 31.58 -9.14 -2.04
C PHE A 759 33.08 -9.19 -2.26
N THR A 760 33.63 -8.05 -2.65
CA THR A 760 35.07 -7.86 -2.75
C THR A 760 35.42 -6.58 -2.00
N PRO A 761 36.28 -6.64 -0.98
CA PRO A 761 36.75 -5.40 -0.36
C PRO A 761 37.39 -4.49 -1.41
N HIS A 762 37.06 -3.20 -1.33
CA HIS A 762 37.54 -2.25 -2.33
C HIS A 762 37.34 -0.84 -1.79
N ALA A 763 38.43 -0.06 -1.75
CA ALA A 763 38.37 1.32 -1.29
C ALA A 763 37.35 2.12 -2.08
N TRP A 764 36.61 2.98 -1.40
CA TRP A 764 35.59 3.79 -2.04
C TRP A 764 36.23 5.08 -2.55
N THR A 765 35.96 5.38 -3.81
CA THR A 765 36.19 6.68 -4.42
C THR A 765 34.98 6.97 -5.28
N PRO A 766 34.72 8.25 -5.62
CA PRO A 766 33.60 8.53 -6.53
C PRO A 766 33.74 7.86 -7.89
N GLN A 767 34.97 7.77 -8.39
CA GLN A 767 35.20 7.14 -9.69
C GLN A 767 34.90 5.66 -9.63
N ALA A 768 35.40 4.98 -8.61
CA ALA A 768 35.17 3.54 -8.48
C ALA A 768 33.69 3.23 -8.34
N ALA A 769 32.96 4.05 -7.59
CA ALA A 769 31.53 3.82 -7.41
C ALA A 769 30.78 3.94 -8.74
N VAL A 770 31.16 4.91 -9.56
CA VAL A 770 30.55 5.07 -10.88
C VAL A 770 30.90 3.87 -11.77
N GLN A 771 32.15 3.42 -11.71
CA GLN A 771 32.56 2.29 -12.53
C GLN A 771 31.85 1.02 -12.13
N VAL A 772 31.67 0.80 -10.82
CA VAL A 772 30.87 -0.33 -10.37
C VAL A 772 29.46 -0.22 -10.93
N SER A 773 28.89 0.98 -10.87
CA SER A 773 27.53 1.20 -11.35
C SER A 773 27.42 0.94 -12.85
N ILE A 774 28.43 1.35 -13.63
CA ILE A 774 28.38 1.16 -15.08
C ILE A 774 28.49 -0.32 -15.42
N ALA A 775 29.46 -1.01 -14.79
CA ALA A 775 29.63 -2.44 -15.01
C ALA A 775 28.40 -3.22 -14.56
N ARG A 776 27.73 -2.75 -13.50
CA ARG A 776 26.50 -3.40 -13.06
C ARG A 776 25.45 -3.36 -14.15
N ASN A 777 25.22 -2.19 -14.75
CA ASN A 777 24.21 -2.07 -15.79
C ASN A 777 24.50 -3.02 -16.94
N ILE A 778 25.76 -3.07 -17.38
CA ILE A 778 26.17 -3.96 -18.47
C ILE A 778 26.02 -5.41 -18.04
N ALA A 779 26.38 -5.73 -16.79
CA ALA A 779 26.29 -7.10 -16.32
C ALA A 779 24.85 -7.57 -16.26
N SER A 780 23.96 -6.72 -15.76
CA SER A 780 22.54 -7.05 -15.69
C SER A 780 22.00 -7.45 -17.06
N LYS A 781 22.27 -6.63 -18.09
CA LYS A 781 21.76 -6.95 -19.42
C LYS A 781 22.39 -8.23 -19.97
N TYR A 782 23.70 -8.43 -19.76
CA TYR A 782 24.33 -9.64 -20.26
C TYR A 782 23.83 -10.87 -19.51
N LEU A 783 23.68 -10.76 -18.18
CA LEU A 783 23.18 -11.91 -17.43
C LEU A 783 21.74 -12.22 -17.77
N LYS A 784 20.95 -11.19 -18.08
CA LYS A 784 19.56 -11.42 -18.48
C LYS A 784 19.49 -12.01 -19.89
N THR A 785 20.33 -11.52 -20.81
CA THR A 785 20.39 -12.13 -22.14
C THR A 785 20.89 -13.56 -22.06
N SER A 786 21.91 -13.80 -21.23
CA SER A 786 22.49 -15.13 -21.08
C SER A 786 21.51 -16.11 -20.43
N LEU A 787 20.44 -15.63 -19.79
CA LEU A 787 19.44 -16.49 -19.19
C LEU A 787 18.06 -16.27 -19.79
N ARG A 788 18.01 -15.95 -21.09
CA ARG A 788 16.76 -15.62 -21.78
C ARG A 788 15.83 -16.82 -21.97
N ASP A 789 16.38 -18.04 -21.96
CA ASP A 789 15.61 -19.24 -22.27
C ASP A 789 14.34 -19.37 -21.43
N ASP A 790 13.18 -19.39 -22.10
CA ASP A 790 11.91 -19.58 -21.42
C ASP A 790 11.81 -20.94 -20.74
N ALA A 791 12.58 -21.92 -21.20
CA ALA A 791 12.59 -23.25 -20.60
C ALA A 791 13.10 -23.25 -19.16
N LEU A 792 13.89 -22.25 -18.77
CA LEU A 792 14.40 -22.20 -17.40
C LEU A 792 13.32 -21.88 -16.38
N GLY A 793 12.23 -21.23 -16.81
CA GLY A 793 11.12 -20.95 -15.91
C GLY A 793 11.32 -19.76 -14.99
N ILE A 794 12.11 -18.78 -15.40
CA ILE A 794 12.42 -17.63 -14.58
C ILE A 794 11.24 -16.68 -14.55
N TYR A 795 10.66 -16.48 -13.36
CA TYR A 795 9.61 -15.49 -13.22
C TYR A 795 10.19 -14.09 -13.07
N ARG A 796 11.13 -13.92 -12.14
CA ARG A 796 11.75 -12.63 -11.89
C ARG A 796 13.24 -12.82 -11.66
N MET A 797 14.02 -11.79 -12.01
CA MET A 797 15.48 -11.86 -11.99
C MET A 797 16.05 -10.47 -11.69
N ARG A 798 17.01 -10.42 -10.76
CA ARG A 798 17.57 -9.17 -10.29
C ARG A 798 19.07 -9.31 -10.09
N VAL A 799 19.85 -8.39 -10.66
CA VAL A 799 21.29 -8.31 -10.47
C VAL A 799 21.59 -6.94 -9.85
N ASP A 800 22.03 -6.94 -8.59
CA ASP A 800 22.37 -5.70 -7.89
C ASP A 800 23.86 -5.69 -7.54
N SER A 801 24.49 -4.53 -7.69
CA SER A 801 25.87 -4.38 -7.25
C SER A 801 26.14 -2.92 -6.97
N GLU A 802 26.86 -2.65 -5.89
CA GLU A 802 27.29 -1.28 -5.59
C GLU A 802 28.54 -1.31 -4.75
N LEU A 803 29.35 -0.27 -4.88
CA LEU A 803 30.50 -0.07 -4.00
C LEU A 803 29.98 0.59 -2.74
N GLU A 804 29.56 -0.23 -1.77
CA GLU A 804 29.01 0.27 -0.51
C GLU A 804 30.07 1.09 0.23
N ASP A 805 29.78 2.38 0.44
CA ASP A 805 30.80 3.35 0.88
C ASP A 805 31.17 3.25 2.36
N LYS A 806 30.25 2.83 3.23
CA LYS A 806 30.59 2.66 4.64
C LYS A 806 31.44 1.43 4.86
N LYS A 807 31.06 0.31 4.24
CA LYS A 807 31.82 -0.93 4.37
C LYS A 807 33.01 -0.99 3.43
N GLN A 808 33.06 -0.16 2.39
CA GLN A 808 34.11 -0.21 1.38
C GLN A 808 34.32 -1.64 0.89
N ARG A 809 33.25 -2.18 0.31
CA ARG A 809 33.34 -3.43 -0.41
C ARG A 809 32.33 -3.36 -1.56
N ILE A 810 32.71 -3.94 -2.69
CA ILE A 810 31.73 -4.16 -3.75
C ILE A 810 30.79 -5.26 -3.28
N GLU A 811 29.51 -4.95 -3.15
CA GLU A 811 28.53 -5.94 -2.70
C GLU A 811 27.61 -6.26 -3.87
N THR A 812 27.60 -7.53 -4.27
CA THR A 812 26.81 -8.00 -5.41
C THR A 812 25.77 -8.99 -4.93
N GLU A 813 24.57 -8.87 -5.48
CA GLU A 813 23.43 -9.68 -5.08
C GLU A 813 22.67 -10.05 -6.34
N VAL A 814 22.54 -11.36 -6.59
CA VAL A 814 21.80 -11.89 -7.74
C VAL A 814 20.65 -12.71 -7.18
N SER A 815 19.43 -12.42 -7.64
CA SER A 815 18.21 -12.99 -7.10
C SER A 815 17.40 -13.61 -8.23
N PHE A 816 16.82 -14.80 -7.95
CA PHE A 816 15.94 -15.49 -8.88
C PHE A 816 14.64 -15.83 -8.17
N THR A 817 13.54 -15.68 -8.88
CA THR A 817 12.32 -16.43 -8.59
C THR A 817 11.98 -17.23 -9.83
N SER A 818 11.61 -18.49 -9.65
CA SER A 818 11.48 -19.37 -10.81
C SER A 818 10.71 -20.62 -10.43
N ALA A 819 10.23 -21.32 -11.47
CA ALA A 819 9.67 -22.64 -11.28
C ALA A 819 10.71 -23.54 -10.61
N PRO A 820 10.27 -24.50 -9.79
CA PRO A 820 11.22 -25.29 -9.01
C PRO A 820 12.07 -26.25 -9.83
N GLU A 821 11.64 -26.62 -11.04
CA GLU A 821 12.20 -27.79 -11.70
C GLU A 821 13.68 -27.60 -12.02
N ARG A 822 14.06 -26.42 -12.48
CA ARG A 822 15.43 -26.15 -12.89
C ARG A 822 16.05 -25.01 -12.08
N ALA A 823 15.65 -24.88 -10.81
CA ALA A 823 16.21 -23.83 -9.97
C ALA A 823 17.68 -24.09 -9.67
N GLN A 824 18.10 -25.35 -9.54
CA GLN A 824 19.48 -25.66 -9.23
C GLN A 824 20.45 -25.23 -10.34
N GLU A 825 19.96 -25.03 -11.56
CA GLU A 825 20.81 -24.67 -12.68
C GLU A 825 21.02 -23.15 -12.81
N LEU A 826 20.15 -22.35 -12.23
CA LEU A 826 20.14 -20.91 -12.51
C LEU A 826 21.42 -20.23 -12.04
N TRP A 827 21.80 -20.41 -10.77
CA TRP A 827 23.01 -19.74 -10.31
C TRP A 827 24.24 -20.22 -11.08
N THR A 828 24.27 -21.51 -11.43
CA THR A 828 25.37 -22.02 -12.25
C THR A 828 25.46 -21.27 -13.58
N LEU A 829 24.32 -21.06 -14.24
CA LEU A 829 24.33 -20.31 -15.49
C LEU A 829 24.75 -18.86 -15.27
N ALA A 830 24.30 -18.25 -14.17
CA ALA A 830 24.68 -16.88 -13.89
C ALA A 830 26.13 -16.77 -13.46
N GLU A 831 26.64 -17.81 -12.79
CA GLU A 831 28.07 -17.84 -12.48
C GLU A 831 28.91 -17.86 -13.75
N GLN A 832 28.49 -18.66 -14.73
CA GLN A 832 29.22 -18.70 -15.99
C GLN A 832 29.14 -17.36 -16.71
N ALA A 833 27.96 -16.74 -16.70
CA ALA A 833 27.81 -15.42 -17.29
C ALA A 833 28.80 -14.42 -16.70
N PHE A 834 28.97 -14.44 -15.37
CA PHE A 834 29.90 -13.50 -14.76
C PHE A 834 31.33 -13.72 -15.25
N SER A 835 31.74 -14.98 -15.40
CA SER A 835 33.12 -15.23 -15.82
C SER A 835 33.34 -14.79 -17.25
N GLU A 836 32.30 -14.79 -18.08
CA GLU A 836 32.43 -14.34 -19.46
C GLU A 836 32.44 -12.82 -19.54
N LEU A 837 31.67 -12.16 -18.67
CA LEU A 837 31.37 -10.72 -18.76
C LEU A 837 32.58 -9.83 -19.11
N PRO A 838 33.74 -9.92 -18.43
CA PRO A 838 34.80 -8.94 -18.69
C PRO A 838 35.40 -9.00 -20.09
N THR A 839 35.14 -10.04 -20.87
CA THR A 839 35.62 -10.08 -22.25
C THR A 839 34.49 -9.93 -23.25
N LYS A 840 33.24 -9.88 -22.79
CA LYS A 840 32.09 -9.63 -23.64
C LYS A 840 31.68 -8.17 -23.68
N ILE A 841 32.22 -7.33 -22.79
CA ILE A 841 31.86 -5.92 -22.79
C ILE A 841 32.52 -5.23 -23.97
N THR A 842 31.72 -4.50 -24.76
CA THR A 842 32.18 -3.89 -25.99
C THR A 842 32.31 -2.39 -25.83
N GLN A 843 33.16 -1.80 -26.68
CA GLN A 843 33.34 -0.34 -26.68
C GLN A 843 32.01 0.39 -26.83
N GLN A 844 31.11 -0.15 -27.67
CA GLN A 844 29.81 0.48 -27.83
C GLN A 844 29.00 0.43 -26.53
N ASP A 845 29.09 -0.68 -25.80
CA ASP A 845 28.36 -0.77 -24.52
C ASP A 845 28.76 0.37 -23.59
N VAL A 846 30.06 0.62 -23.46
CA VAL A 846 30.55 1.66 -22.57
C VAL A 846 30.18 3.04 -23.10
N ASP A 847 30.33 3.26 -24.41
CA ASP A 847 29.97 4.55 -25.00
C ASP A 847 28.50 4.86 -24.73
N GLU A 848 27.62 3.88 -24.88
CA GLU A 848 26.23 4.10 -24.54
C GLU A 848 26.07 4.48 -23.08
N GLN A 849 26.76 3.75 -22.20
CA GLN A 849 26.59 3.96 -20.76
C GLN A 849 27.14 5.32 -20.35
N LYS A 850 28.29 5.71 -20.89
CA LYS A 850 28.88 7.01 -20.59
C LYS A 850 27.94 8.14 -20.99
N ALA A 851 27.46 8.10 -22.24
CA ALA A 851 26.51 9.12 -22.67
C ALA A 851 25.27 9.13 -21.80
N GLN A 852 24.81 7.95 -21.40
CA GLN A 852 23.63 7.88 -20.53
C GLN A 852 23.95 8.41 -19.13
N PHE A 853 25.17 8.15 -18.63
CA PHE A 853 25.57 8.70 -17.35
C PHE A 853 25.68 10.21 -17.42
N ILE A 854 26.34 10.73 -18.46
CA ILE A 854 26.48 12.17 -18.64
C ILE A 854 25.12 12.84 -18.61
N ARG A 855 24.12 12.26 -19.29
CA ARG A 855 22.79 12.86 -19.31
C ARG A 855 22.16 12.84 -17.92
N ALA A 856 22.34 11.75 -17.18
CA ALA A 856 21.83 11.69 -15.81
C ALA A 856 22.55 12.67 -14.89
N GLU A 857 23.88 12.72 -14.99
CA GLU A 857 24.66 13.61 -14.12
C GLU A 857 24.25 15.06 -14.29
N LYS A 858 23.84 15.46 -15.50
CA LYS A 858 23.44 16.84 -15.68
C LYS A 858 22.01 17.09 -15.21
N GLY A 859 21.15 16.08 -15.28
CA GLY A 859 19.87 16.20 -14.61
C GLY A 859 19.96 16.24 -13.09
N ARG A 860 21.12 15.89 -12.53
CA ARG A 860 21.34 15.94 -11.10
C ARG A 860 21.94 17.27 -10.65
N GLN A 861 22.42 18.08 -11.60
CA GLN A 861 22.75 19.46 -11.28
C GLN A 861 21.55 20.17 -10.70
N GLY A 862 21.78 20.92 -9.62
CA GLY A 862 20.69 21.66 -8.99
C GLY A 862 19.64 20.80 -8.33
N ASP A 863 19.84 19.49 -8.27
CA ASP A 863 18.90 18.60 -7.61
C ASP A 863 19.24 18.54 -6.12
N LEU A 864 18.30 18.99 -5.29
CA LEU A 864 18.56 19.14 -3.87
C LEU A 864 18.77 17.80 -3.18
N THR A 865 17.97 16.78 -3.52
CA THR A 865 18.19 15.45 -2.98
C THR A 865 19.61 14.94 -3.26
N THR A 866 20.10 15.13 -4.50
CA THR A 866 21.47 14.72 -4.82
C THR A 866 22.48 15.54 -4.03
N ILE A 867 22.26 16.86 -3.95
CA ILE A 867 23.20 17.75 -3.29
C ILE A 867 23.34 17.40 -1.81
N GLN A 868 22.20 17.13 -1.16
CA GLN A 868 22.21 16.75 0.24
C GLN A 868 22.92 15.41 0.46
N ARG A 869 22.66 14.44 -0.43
CA ARG A 869 23.31 13.13 -0.30
C ARG A 869 24.83 13.23 -0.49
N ARG A 870 25.28 14.00 -1.48
CA ARG A 870 26.72 14.10 -1.72
C ARG A 870 27.44 14.89 -0.63
N LEU A 871 26.79 15.91 -0.05
CA LEU A 871 27.38 16.64 1.06
C LEU A 871 27.64 15.69 2.23
N ILE A 872 26.65 14.87 2.55
CA ILE A 872 26.76 13.96 3.68
C ILE A 872 27.77 12.85 3.39
N LEU A 873 27.73 12.30 2.18
CA LEU A 873 28.75 11.33 1.78
C LEU A 873 30.15 11.94 1.83
N SER A 874 30.30 13.18 1.35
CA SER A 874 31.60 13.85 1.39
C SER A 874 32.14 13.92 2.81
N TYR A 875 31.30 14.31 3.77
CA TYR A 875 31.81 14.42 5.13
C TYR A 875 32.15 13.05 5.71
N ARG A 876 31.40 12.02 5.32
CA ARG A 876 31.68 10.68 5.81
C ARG A 876 33.07 10.22 5.39
N HIS A 877 33.47 10.48 4.15
CA HIS A 877 34.73 9.95 3.64
C HIS A 877 35.90 10.89 3.75
N TYR A 878 35.66 12.20 3.61
CA TYR A 878 36.73 13.18 3.56
C TYR A 878 36.73 14.12 4.75
N ASN A 879 35.65 14.14 5.52
CA ASN A 879 35.41 15.12 6.59
C ASN A 879 35.48 16.54 6.04
N ASP A 880 35.03 16.73 4.80
CA ASP A 880 34.93 18.05 4.17
C ASP A 880 33.97 17.92 2.99
N PRO A 881 33.55 19.05 2.37
CA PRO A 881 32.51 18.94 1.33
C PRO A 881 33.00 18.88 -0.11
N ARG A 882 34.24 18.42 -0.36
CA ARG A 882 34.82 18.48 -1.70
C ARG A 882 33.96 17.80 -2.77
N TYR A 883 33.14 16.83 -2.39
CA TYR A 883 32.38 16.06 -3.36
C TYR A 883 31.28 16.89 -4.02
N LEU A 884 30.94 18.06 -3.47
CA LEU A 884 30.02 18.97 -4.15
C LEU A 884 30.64 19.63 -5.37
N SER A 885 31.95 19.51 -5.57
CA SER A 885 32.68 20.09 -6.69
C SER A 885 33.23 19.01 -7.62
N ASN A 886 33.50 19.43 -8.86
CA ASN A 886 34.17 18.63 -9.89
C ASN A 886 33.38 17.42 -10.35
N ALA A 887 32.06 17.40 -10.15
CA ALA A 887 31.27 16.24 -10.58
C ALA A 887 31.33 16.02 -12.08
N SER A 888 31.63 17.07 -12.86
CA SER A 888 31.74 16.98 -14.31
C SER A 888 32.91 16.12 -14.75
N LYS A 889 33.84 15.79 -13.87
CA LYS A 889 34.96 14.93 -14.19
C LYS A 889 34.67 13.46 -13.91
N LEU A 890 33.53 13.15 -13.29
CA LEU A 890 33.20 11.77 -12.98
C LEU A 890 33.06 10.92 -14.24
N ALA A 891 32.37 11.45 -15.25
CA ALA A 891 32.16 10.68 -16.47
C ALA A 891 33.47 10.31 -17.14
N ASP A 892 34.53 11.10 -16.91
CA ASP A 892 35.81 10.82 -17.53
C ASP A 892 36.45 9.54 -17.02
N SER A 893 36.04 9.04 -15.86
CA SER A 893 36.56 7.77 -15.37
C SER A 893 35.88 6.57 -15.99
N ILE A 894 34.89 6.80 -16.86
CA ILE A 894 34.22 5.73 -17.58
C ILE A 894 34.99 5.51 -18.88
N THR A 895 35.81 4.47 -18.92
CA THR A 895 36.46 4.02 -20.14
C THR A 895 36.21 2.53 -20.31
N LEU A 896 36.43 2.06 -21.53
CA LEU A 896 36.31 0.64 -21.81
C LEU A 896 37.22 -0.16 -20.87
N GLU A 897 38.46 0.30 -20.68
CA GLU A 897 39.38 -0.42 -19.81
C GLU A 897 38.89 -0.45 -18.36
N SER A 898 38.42 0.69 -17.85
CA SER A 898 38.06 0.75 -16.43
C SER A 898 36.78 -0.02 -16.15
N VAL A 899 35.81 0.02 -17.08
CA VAL A 899 34.58 -0.73 -16.87
C VAL A 899 34.86 -2.23 -16.92
N ARG A 900 35.68 -2.69 -17.86
CA ARG A 900 35.95 -4.12 -17.92
C ARG A 900 36.72 -4.58 -16.70
N ALA A 901 37.74 -3.82 -16.29
CA ALA A 901 38.48 -4.19 -15.08
C ALA A 901 37.59 -4.20 -13.85
N MET A 902 36.52 -3.40 -13.82
CA MET A 902 35.60 -3.42 -12.69
C MET A 902 34.54 -4.49 -12.83
N SER A 903 34.10 -4.81 -14.06
CA SER A 903 33.14 -5.89 -14.24
C SER A 903 33.69 -7.22 -13.73
N ALA A 904 35.01 -7.36 -13.75
CA ALA A 904 35.70 -8.53 -13.22
C ALA A 904 35.71 -8.60 -11.71
N LYS A 905 35.28 -7.54 -11.01
CA LYS A 905 35.23 -7.56 -9.56
C LYS A 905 33.82 -7.68 -9.02
N LEU A 906 32.82 -7.64 -9.89
CA LEU A 906 31.44 -7.66 -9.42
C LEU A 906 31.13 -8.94 -8.68
N TYR A 907 31.61 -10.06 -9.19
CA TYR A 907 31.38 -11.38 -8.59
C TYR A 907 32.72 -11.95 -8.18
N ASN A 908 32.84 -12.29 -6.89
CA ASN A 908 34.09 -12.85 -6.40
C ASN A 908 33.83 -14.29 -5.97
N PRO A 909 34.37 -15.29 -6.69
CA PRO A 909 34.01 -16.67 -6.36
C PRO A 909 34.49 -17.12 -4.99
N ASP A 910 35.49 -16.46 -4.41
CA ASP A 910 35.97 -16.84 -3.09
C ASP A 910 35.03 -16.37 -1.98
N ASN A 911 34.21 -15.35 -2.23
CA ASN A 911 33.21 -14.86 -1.29
C ASN A 911 31.83 -15.02 -1.94
N ARG A 912 31.21 -16.19 -1.73
CA ARG A 912 29.94 -16.51 -2.40
C ARG A 912 29.05 -17.26 -1.42
N VAL A 913 27.87 -16.72 -1.17
CA VAL A 913 26.89 -17.37 -0.31
C VAL A 913 25.64 -17.62 -1.13
N LEU A 914 25.19 -18.88 -1.16
CA LEU A 914 24.06 -19.30 -1.99
C LEU A 914 22.94 -19.83 -1.09
N TYR A 915 21.75 -19.27 -1.25
CA TYR A 915 20.61 -19.74 -0.48
C TYR A 915 19.48 -20.06 -1.45
N ILE A 916 19.07 -21.32 -1.48
CA ILE A 916 18.00 -21.79 -2.36
C ILE A 916 16.82 -22.19 -1.49
N THR A 917 15.66 -21.62 -1.77
CA THR A 917 14.42 -22.00 -1.10
C THR A 917 13.54 -22.70 -2.13
N LEU A 918 13.18 -23.94 -1.87
CA LEU A 918 12.33 -24.75 -2.73
C LEU A 918 10.96 -25.00 -2.07
N PRO A 919 9.94 -25.37 -2.85
CA PRO A 919 8.67 -25.77 -2.24
C PRO A 919 8.88 -26.91 -1.26
N GLN A 920 8.01 -26.98 -0.26
CA GLN A 920 8.18 -28.04 0.73
C GLN A 920 7.72 -29.38 0.15
N GLU A 921 8.40 -30.44 0.57
CA GLU A 921 8.18 -31.77 -0.01
C GLU A 921 6.78 -32.31 0.29
N ALA B 1 18.26 -5.32 1.36
CA ALA B 1 17.58 -4.11 0.93
C ALA B 1 16.26 -3.92 1.69
N THR B 2 16.26 -2.98 2.62
CA THR B 2 15.10 -2.69 3.47
C THR B 2 14.46 -1.38 3.05
N TYR B 3 13.13 -1.38 2.96
CA TYR B 3 12.36 -0.19 2.59
C TYR B 3 11.21 -0.01 3.58
N LYS B 4 10.57 1.13 3.49
CA LYS B 4 9.43 1.46 4.35
C LYS B 4 8.31 2.03 3.49
N VAL B 5 7.12 1.45 3.65
CA VAL B 5 5.93 1.88 2.91
C VAL B 5 4.94 2.49 3.91
N LYS B 6 4.13 3.41 3.42
CA LYS B 6 3.10 4.04 4.22
C LYS B 6 1.78 4.01 3.46
N PHE B 7 0.68 3.88 4.20
CA PHE B 7 -0.66 3.83 3.63
C PHE B 7 -1.54 4.80 4.41
N ILE B 8 -2.24 5.66 3.66
CA ILE B 8 -3.24 6.56 4.24
C ILE B 8 -4.59 5.89 4.12
N THR B 9 -5.22 5.62 5.26
CA THR B 9 -6.52 4.99 5.35
C THR B 9 -7.46 5.87 6.16
N PRO B 10 -8.78 5.65 6.05
CA PRO B 10 -9.71 6.32 6.98
C PRO B 10 -9.46 6.00 8.45
N GLU B 11 -8.55 5.05 8.74
CA GLU B 11 -8.16 4.68 10.09
C GLU B 11 -6.96 5.47 10.59
N GLY B 12 -6.02 5.75 9.71
CA GLY B 12 -4.83 6.49 10.07
C GLY B 12 -3.68 6.11 9.14
N GLU B 13 -2.48 6.59 9.52
CA GLU B 13 -1.27 6.26 8.78
C GLU B 13 -0.74 4.91 9.26
N LEU B 14 -0.55 3.98 8.33
CA LEU B 14 -0.01 2.66 8.62
C LEU B 14 1.32 2.51 7.91
N GLU B 15 2.37 2.14 8.64
CA GLU B 15 3.72 2.06 8.11
C GLU B 15 4.25 0.64 8.23
N VAL B 16 4.88 0.17 7.16
CA VAL B 16 5.23 -1.23 6.98
C VAL B 16 6.63 -1.30 6.38
N GLU B 17 7.43 -2.26 6.83
CA GLU B 17 8.70 -2.57 6.19
C GLU B 17 8.50 -3.63 5.12
N CYS B 18 9.29 -3.55 4.06
CA CYS B 18 9.05 -4.34 2.86
C CYS B 18 10.36 -4.55 2.13
N ASP B 19 10.72 -5.82 1.90
CA ASP B 19 11.93 -6.13 1.14
C ASP B 19 11.67 -5.89 -0.35
N ASP B 20 12.74 -6.05 -1.14
CA ASP B 20 12.64 -5.83 -2.58
C ASP B 20 11.58 -6.73 -3.21
N ASP B 21 11.63 -8.01 -2.89
CA ASP B 21 10.89 -9.06 -3.61
C ASP B 21 9.58 -9.43 -2.92
N VAL B 22 8.89 -8.45 -2.32
CA VAL B 22 7.64 -8.70 -1.59
C VAL B 22 6.59 -7.72 -2.10
N TYR B 23 5.39 -8.22 -2.37
CA TYR B 23 4.28 -7.35 -2.72
C TYR B 23 3.82 -6.55 -1.50
N VAL B 24 3.35 -5.32 -1.76
CA VAL B 24 2.97 -4.39 -0.69
C VAL B 24 2.01 -5.05 0.28
N LEU B 25 0.96 -5.69 -0.25
CA LEU B 25 -0.08 -6.21 0.62
C LEU B 25 0.34 -7.49 1.33
N ASP B 26 1.24 -8.27 0.73
CA ASP B 26 1.77 -9.43 1.45
C ASP B 26 2.55 -8.98 2.68
N ALA B 27 3.30 -7.88 2.57
CA ALA B 27 4.04 -7.38 3.73
C ALA B 27 3.11 -6.88 4.81
N ALA B 28 2.04 -6.16 4.42
CA ALA B 28 1.07 -5.69 5.40
C ALA B 28 0.43 -6.86 6.14
N GLU B 29 -0.02 -7.88 5.39
CA GLU B 29 -0.63 -9.05 6.02
C GLU B 29 0.34 -9.79 6.93
N GLU B 30 1.59 -9.96 6.49
N GLU B 30 1.59 -9.95 6.48
CA GLU B 30 2.60 -10.56 7.36
CA GLU B 30 2.61 -10.54 7.34
C GLU B 30 2.77 -9.76 8.65
C GLU B 30 2.75 -9.76 8.64
N ALA B 31 2.73 -8.43 8.55
CA ALA B 31 2.83 -7.58 9.73
C ALA B 31 1.58 -7.59 10.59
N GLY B 32 0.47 -8.15 10.09
CA GLY B 32 -0.76 -8.15 10.85
C GLY B 32 -1.56 -6.88 10.76
N ILE B 33 -1.42 -6.12 9.67
CA ILE B 33 -2.24 -4.95 9.42
C ILE B 33 -3.40 -5.36 8.52
N ASP B 34 -4.62 -4.96 8.90
CA ASP B 34 -5.84 -5.31 8.16
C ASP B 34 -6.20 -4.14 7.25
N LEU B 35 -6.10 -4.35 5.93
CA LEU B 35 -6.32 -3.23 5.01
C LEU B 35 -7.67 -3.31 4.30
N PRO B 36 -7.81 -4.09 3.20
CA PRO B 36 -8.77 -3.84 2.11
C PRO B 36 -10.01 -3.01 2.47
N VAL B 85 7.74 5.11 -0.24
CA VAL B 85 6.52 5.21 -1.03
C VAL B 85 5.29 5.28 -0.11
N THR B 86 4.31 6.10 -0.48
CA THR B 86 3.06 6.25 0.28
C THR B 86 1.91 6.25 -0.71
N ILE B 87 1.08 5.20 -0.67
CA ILE B 87 -0.03 5.07 -1.61
C ILE B 87 -1.35 5.46 -0.95
N GLU B 88 -2.45 5.25 -1.66
CA GLU B 88 -3.75 5.76 -1.25
C GLU B 88 -4.86 4.76 -1.57
N THR B 89 -5.92 4.79 -0.77
CA THR B 89 -7.18 4.11 -1.06
C THR B 89 -8.25 4.55 -0.06
N ASP C 84 -22.01 3.83 1.63
CA ASP C 84 -20.92 4.48 2.36
C ASP C 84 -21.25 5.94 2.66
N VAL C 85 -20.68 6.84 1.87
CA VAL C 85 -20.90 8.28 2.00
C VAL C 85 -21.81 8.74 0.87
N THR C 86 -22.93 9.36 1.22
CA THR C 86 -23.85 9.91 0.24
C THR C 86 -23.57 11.38 -0.08
N ILE C 87 -23.12 12.15 0.92
CA ILE C 87 -22.70 13.54 0.75
C ILE C 87 -21.29 13.65 1.30
N GLU C 88 -20.31 13.87 0.42
CA GLU C 88 -18.91 13.92 0.84
C GLU C 88 -18.66 15.13 1.72
N THR C 89 -18.15 14.90 2.93
CA THR C 89 -17.85 15.96 3.88
C THR C 89 -16.37 16.35 3.91
N HIS C 90 -15.46 15.40 3.67
CA HIS C 90 -14.03 15.69 3.60
C HIS C 90 -13.61 15.97 2.15
#